data_6G74
#
_entry.id   6G74
#
_cell.length_a   49.140
_cell.length_b   52.160
_cell.length_c   58.950
_cell.angle_alpha   103.820
_cell.angle_beta   90.630
_cell.angle_gamma   90.370
#
_symmetry.space_group_name_H-M   'P 1'
#
loop_
_entity.id
_entity.type
_entity.pdbx_description
1 polymer 'Quinolinate synthase A'
2 non-polymer 'IRON/SULFUR CLUSTER'
3 non-polymer 'PHTHALIC ACID'
4 water water
#
_entity_poly.entity_id   1
_entity_poly.type   'polypeptide(L)'
_entity_poly.pdbx_seq_one_letter_code
;HHHHHHMVDEILKLKKEKGYIILAHNFQIPELQDIADFVGDSLQLARKAMELSEKKILFLGVDFMAELVKILNPDKKVIV
PDRSATCPMANRLTPEIIREYREKFPDAPVVLYVNSTSECKTLADVICTSANAVEVVKKLDSSVVIFGPDRNLGEYVAEK
TGKKVITIPENGHCPVHQFNAESIDAVRKKYPDAKVIVHPECPKPVRDKADYVGSTGQMEKIPERDPSRIFVIGTEIGMI
HKLKKKFPDREFVPLEMAVCVNMKKNTLENTLHALQTESFEVILPKEVIEKAKKPILRMFELMG
;
_entity_poly.pdbx_strand_id   A,B
#
# COMPACT_ATOMS: atom_id res chain seq x y z
N HIS A 1 31.24 13.51 0.90
CA HIS A 1 32.53 12.98 0.42
C HIS A 1 32.63 13.04 -1.09
N HIS A 2 33.82 13.38 -1.56
CA HIS A 2 34.10 13.52 -2.98
C HIS A 2 33.82 12.28 -3.85
N HIS A 3 33.88 11.06 -3.30
CA HIS A 3 33.56 9.88 -4.12
C HIS A 3 32.13 9.86 -4.65
N HIS A 4 31.19 10.47 -3.94
N HIS A 4 30.22 7.67 -4.50
CA HIS A 4 29.84 10.63 -4.42
CA HIS A 4 29.06 8.43 -4.02
C HIS A 4 29.61 11.92 -5.22
C HIS A 4 28.99 9.82 -4.63
N HIS A 5 30.67 12.67 -5.56
N HIS A 5 30.15 10.45 -4.84
CA HIS A 5 30.45 13.99 -6.17
CA HIS A 5 30.18 11.75 -5.52
C HIS A 5 29.76 13.97 -7.53
C HIS A 5 29.44 11.62 -6.85
N HIS A 6 29.91 12.88 -8.25
N HIS A 6 29.66 10.53 -7.56
CA HIS A 6 29.23 12.67 -9.54
CA HIS A 6 28.97 10.32 -8.82
C HIS A 6 27.78 12.22 -9.41
C HIS A 6 27.46 10.40 -8.64
N MET A 7 27.48 11.52 -8.32
N MET A 7 26.93 9.61 -7.72
CA MET A 7 26.10 11.15 -7.97
CA MET A 7 25.51 9.61 -7.48
C MET A 7 25.32 12.39 -7.57
C MET A 7 25.03 10.98 -7.00
N VAL A 8 25.96 13.24 -6.78
N VAL A 8 25.78 11.60 -6.11
CA VAL A 8 25.34 14.47 -6.30
CA VAL A 8 25.41 12.91 -5.61
C VAL A 8 25.05 15.41 -7.46
C VAL A 8 25.33 13.90 -6.78
N ASP A 9 26.02 15.54 -8.37
N ASP A 9 26.35 13.89 -7.61
CA ASP A 9 25.87 16.42 -9.54
CA ASP A 9 26.38 14.75 -8.80
C ASP A 9 24.72 16.03 -10.45
C ASP A 9 25.19 14.48 -9.73
N GLU A 10 24.43 14.74 -10.54
N GLU A 10 24.82 13.22 -9.87
CA GLU A 10 23.31 14.25 -11.35
CA GLU A 10 23.75 12.85 -10.80
C GLU A 10 21.99 14.50 -10.62
C GLU A 10 22.40 13.23 -10.23
N ILE A 11 22.02 14.40 -9.29
N ILE A 11 22.27 13.08 -8.92
CA ILE A 11 20.85 14.75 -8.49
CA ILE A 11 21.05 13.45 -8.23
C ILE A 11 20.49 16.24 -8.63
C ILE A 11 20.75 14.93 -8.36
N LEU A 12 21.48 17.11 -8.46
N LEU A 12 21.76 15.76 -8.10
CA LEU A 12 21.25 18.56 -8.56
CA LEU A 12 21.61 17.21 -8.21
C LEU A 12 20.72 18.94 -9.95
C LEU A 12 21.33 17.60 -9.66
N LYS A 13 21.35 18.42 -11.00
N LYS A 13 21.99 16.93 -10.60
CA LYS A 13 20.95 18.78 -12.36
CA LYS A 13 21.77 17.19 -12.01
C LYS A 13 19.53 18.28 -12.68
C LYS A 13 20.30 16.96 -12.40
N LEU A 14 19.24 17.03 -12.35
N LEU A 14 19.77 15.80 -12.02
CA LEU A 14 17.90 16.45 -12.57
CA LEU A 14 18.42 15.41 -12.41
C LEU A 14 16.83 17.16 -11.77
C LEU A 14 17.35 16.24 -11.71
N LYS A 15 17.14 17.42 -10.51
N LYS A 15 17.60 16.60 -10.46
CA LYS A 15 16.22 18.14 -9.66
CA LYS A 15 16.62 17.37 -9.71
C LYS A 15 15.91 19.51 -10.28
C LYS A 15 16.39 18.71 -10.37
N LYS A 16 16.94 20.16 -10.80
N LYS A 16 17.48 19.38 -10.78
CA LYS A 16 16.81 21.50 -11.34
CA LYS A 16 17.35 20.66 -11.44
C LYS A 16 15.99 21.45 -12.61
C LYS A 16 16.70 20.42 -12.78
N GLU A 17 16.35 20.45 -13.40
N GLU A 17 17.25 19.48 -13.53
CA GLU A 17 15.89 20.26 -14.77
CA GLU A 17 16.80 19.21 -14.88
C GLU A 17 14.42 19.87 -14.84
C GLU A 17 15.30 18.99 -14.95
N LYS A 18 14.01 19.03 -13.90
N LYS A 18 14.78 18.20 -14.01
CA LYS A 18 12.64 18.55 -13.81
CA LYS A 18 13.37 17.82 -14.02
C LYS A 18 11.83 19.36 -12.83
C LYS A 18 12.44 18.65 -13.13
N GLY A 19 12.46 20.33 -12.20
N GLY A 19 12.97 19.68 -12.46
CA GLY A 19 11.77 21.21 -11.29
CA GLY A 19 12.11 20.62 -11.72
C GLY A 19 11.35 20.47 -10.03
C GLY A 19 11.59 20.19 -10.36
N TYR A 20 12.23 19.59 -9.53
N TYR A 20 12.42 19.50 -9.59
CA TYR A 20 11.99 19.02 -8.21
CA TYR A 20 12.04 19.04 -8.26
C TYR A 20 12.55 19.88 -7.12
C TYR A 20 12.57 19.89 -7.14
N ILE A 21 11.98 19.72 -5.96
CA ILE A 21 12.53 20.22 -4.72
C ILE A 21 12.66 18.94 -3.86
N ILE A 22 13.73 18.89 -3.10
CA ILE A 22 14.04 17.75 -2.26
C ILE A 22 13.84 18.20 -0.84
N LEU A 23 12.98 17.46 -0.14
CA LEU A 23 12.63 17.68 1.24
C LEU A 23 13.06 16.45 2.00
N ALA A 24 13.91 16.65 3.04
CA ALA A 24 14.45 15.55 3.84
C ALA A 24 14.12 15.71 5.32
N HIS A 25 13.58 14.67 5.92
CA HIS A 25 13.37 14.64 7.35
C HIS A 25 14.72 14.64 8.13
N ASN A 26 14.73 15.18 9.33
CA ASN A 26 15.92 15.22 10.19
C ASN A 26 16.58 13.84 10.45
N PHE A 27 15.81 12.76 10.32
CA PHE A 27 16.31 11.43 10.59
C PHE A 27 16.89 10.73 9.35
N GLN A 28 17.01 11.43 8.23
CA GLN A 28 17.63 10.88 7.04
C GLN A 28 19.13 10.85 7.26
N ILE A 29 19.79 9.93 6.55
CA ILE A 29 21.23 9.84 6.56
C ILE A 29 21.85 11.19 6.17
N PRO A 30 23.06 11.47 6.66
CA PRO A 30 23.72 12.77 6.36
C PRO A 30 23.82 13.10 4.89
N GLU A 31 24.16 12.10 4.09
CA GLU A 31 24.27 12.23 2.61
C GLU A 31 23.00 12.77 1.95
N LEU A 32 21.84 12.31 2.40
CA LEU A 32 20.57 12.83 1.89
C LEU A 32 20.18 14.20 2.46
N GLN A 33 20.51 14.49 3.73
CA GLN A 33 20.32 15.82 4.28
C GLN A 33 21.16 16.82 3.49
N ASP A 34 22.39 16.45 3.16
CA ASP A 34 23.29 17.34 2.41
C ASP A 34 22.87 17.65 0.98
N ILE A 35 22.06 16.79 0.35
CA ILE A 35 21.54 17.07 -1.01
C ILE A 35 20.16 17.69 -1.04
N ALA A 36 19.50 17.80 0.12
CA ALA A 36 18.14 18.29 0.20
C ALA A 36 18.11 19.82 0.14
N ASP A 37 17.04 20.37 -0.43
CA ASP A 37 16.79 21.80 -0.40
C ASP A 37 16.37 22.27 1.00
N PHE A 38 15.65 21.42 1.74
N PHE A 38 15.71 21.40 1.77
CA PHE A 38 15.22 21.74 3.09
CA PHE A 38 15.15 21.76 3.07
C PHE A 38 15.19 20.49 3.93
C PHE A 38 15.14 20.51 3.94
N VAL A 39 15.64 20.62 5.18
CA VAL A 39 15.74 19.50 6.10
C VAL A 39 15.03 19.98 7.35
N GLY A 40 14.15 19.14 7.87
N GLY A 40 14.14 19.19 7.87
CA GLY A 40 13.39 19.49 9.05
CA GLY A 40 13.41 19.62 9.03
C GLY A 40 12.45 18.38 9.44
C GLY A 40 12.53 18.58 9.62
N ASP A 41 11.44 18.72 10.21
N ASP A 41 11.74 19.04 10.56
CA ASP A 41 10.44 17.77 10.65
CA ASP A 41 10.85 18.19 11.26
C ASP A 41 9.32 17.64 9.61
C ASP A 41 9.51 18.08 10.68
N SER A 42 8.39 16.74 9.87
N SER A 42 8.71 17.39 11.47
CA SER A 42 7.36 16.42 8.93
CA SER A 42 7.35 17.06 11.24
C SER A 42 6.54 17.62 8.48
C SER A 42 6.58 18.39 10.97
N LEU A 43 5.93 18.30 9.42
N LEU A 43 6.57 19.26 11.98
CA LEU A 43 5.06 19.39 9.10
CA LEU A 43 5.88 20.57 11.93
C LEU A 43 5.84 20.55 8.53
C LEU A 43 6.37 21.52 10.83
N GLN A 44 7.02 20.82 9.07
N GLN A 44 7.69 21.72 10.75
CA GLN A 44 7.88 21.89 8.55
CA GLN A 44 8.32 22.52 9.72
C GLN A 44 8.13 21.74 7.02
C GLN A 44 8.06 21.98 8.37
N LEU A 45 8.43 20.52 6.63
N LEU A 45 8.13 20.69 8.29
CA LEU A 45 8.69 20.15 5.27
CA LEU A 45 7.86 20.08 7.02
C LEU A 45 7.44 20.34 4.39
C LEU A 45 6.37 20.29 6.69
N ALA A 46 6.31 19.83 4.84
N ALA A 46 5.50 20.22 7.69
CA ALA A 46 5.03 19.94 4.11
CA ALA A 46 4.05 20.42 7.48
C ALA A 46 4.62 21.42 3.92
C ALA A 46 3.75 21.87 7.10
N ARG A 47 4.75 22.18 5.00
N ARG A 47 4.45 22.81 7.72
CA ARG A 47 4.45 23.61 4.97
CA ARG A 47 4.28 24.23 7.45
C ARG A 47 5.41 24.30 3.99
C ARG A 47 4.78 24.58 6.05
N LYS A 48 6.70 24.01 4.14
N LYS A 48 5.91 24.01 5.64
CA LYS A 48 7.71 24.51 3.23
CA LYS A 48 6.48 24.28 4.33
C LYS A 48 7.32 24.24 1.73
C LYS A 48 5.56 23.70 3.27
N ALA A 49 6.88 23.01 1.39
N ALA A 49 4.90 22.58 3.57
CA ALA A 49 6.49 22.66 0.02
CA ALA A 49 3.96 21.94 2.66
C ALA A 49 5.35 23.50 -0.59
C ALA A 49 2.75 22.81 2.44
N MET A 50 4.44 23.94 0.27
N MET A 50 2.37 23.57 3.44
CA MET A 50 3.33 24.80 -0.12
CA MET A 50 1.28 24.47 3.32
C MET A 50 3.78 26.16 -0.66
C MET A 50 1.45 25.45 2.16
N GLU A 51 4.88 26.63 -0.12
N GLU A 51 2.64 26.00 1.95
CA GLU A 51 5.53 27.88 -0.47
CA GLU A 51 2.84 27.02 0.90
C GLU A 51 6.33 27.93 -1.75
C GLU A 51 3.91 26.65 -0.11
N LEU A 52 6.61 26.78 -2.36
N LEU A 52 3.85 25.46 -0.68
CA LEU A 52 7.52 26.72 -3.49
CA LEU A 52 4.85 25.10 -1.68
C LEU A 52 6.90 26.53 -4.85
C LEU A 52 4.45 25.64 -3.07
N SER A 53 7.64 27.01 -5.83
N SER A 53 5.43 26.05 -3.84
CA SER A 53 7.27 26.98 -7.23
CA SER A 53 5.19 26.63 -5.15
C SER A 53 7.44 25.60 -7.84
C SER A 53 5.46 25.67 -6.27
N GLU A 54 8.39 24.81 -7.34
N GLU A 54 6.45 24.82 -6.05
CA GLU A 54 8.59 23.47 -7.85
CA GLU A 54 6.95 23.87 -7.05
C GLU A 54 7.29 22.65 -7.78
C GLU A 54 5.94 22.84 -7.51
N LYS A 55 6.83 22.16 -8.92
N LYS A 55 6.26 22.18 -8.61
CA LYS A 55 5.59 21.36 -9.03
CA LYS A 55 5.41 21.18 -9.19
C LYS A 55 5.76 19.89 -8.64
C LYS A 55 5.72 19.77 -8.74
N LYS A 56 7.00 19.48 -8.47
CA LYS A 56 7.35 18.10 -8.16
C LYS A 56 8.18 18.11 -6.89
N ILE A 57 7.92 17.13 -6.03
CA ILE A 57 8.60 17.01 -4.76
C ILE A 57 9.16 15.62 -4.62
N LEU A 58 10.43 15.54 -4.25
CA LEU A 58 11.05 14.29 -3.80
C LEU A 58 11.12 14.36 -2.26
N PHE A 59 10.44 13.43 -1.61
CA PHE A 59 10.35 13.41 -0.18
C PHE A 59 11.13 12.24 0.40
N LEU A 60 11.96 12.57 1.39
CA LEU A 60 12.88 11.66 1.99
C LEU A 60 12.55 11.55 3.47
N GLY A 61 11.87 10.47 3.82
CA GLY A 61 11.37 10.27 5.14
C GLY A 61 10.57 8.98 5.12
N VAL A 62 9.44 8.98 5.79
CA VAL A 62 8.59 7.78 5.87
C VAL A 62 7.17 8.14 5.39
N ASP A 63 6.35 7.12 5.22
CA ASP A 63 5.14 7.22 4.39
C ASP A 63 4.13 8.23 4.87
N PHE A 64 3.86 8.26 6.16
CA PHE A 64 2.82 9.17 6.66
C PHE A 64 3.21 10.64 6.40
N MET A 65 4.50 10.92 6.41
CA MET A 65 5.02 12.27 6.14
C MET A 65 4.89 12.62 4.65
N ALA A 66 5.22 11.71 3.75
CA ALA A 66 5.06 11.99 2.31
C ALA A 66 3.59 12.25 1.96
N GLU A 67 2.70 11.50 2.62
CA GLU A 67 1.27 11.66 2.43
C GLU A 67 0.78 13.00 2.97
N LEU A 68 1.26 13.41 4.15
CA LEU A 68 1.00 14.74 4.68
C LEU A 68 1.34 15.83 3.67
N VAL A 69 2.50 15.72 3.05
CA VAL A 69 2.93 16.64 2.01
C VAL A 69 1.98 16.65 0.83
N LYS A 70 1.53 15.46 0.44
CA LYS A 70 0.57 15.32 -0.64
C LYS A 70 -0.82 15.86 -0.25
N ILE A 71 -1.25 15.58 0.97
CA ILE A 71 -2.54 16.10 1.47
C ILE A 71 -2.60 17.64 1.35
N LEU A 72 -1.51 18.29 1.76
CA LEU A 72 -1.39 19.75 1.73
C LEU A 72 -0.86 20.32 0.41
N ASN A 73 -0.35 19.47 -0.49
CA ASN A 73 0.00 19.88 -1.89
C ASN A 73 -0.59 18.94 -2.95
N PRO A 74 -1.91 18.79 -2.99
CA PRO A 74 -2.48 17.70 -3.77
C PRO A 74 -2.38 17.79 -5.29
N ASP A 75 -2.03 18.95 -5.83
CA ASP A 75 -1.85 19.05 -7.29
C ASP A 75 -0.39 18.95 -7.65
N LYS A 76 0.42 18.68 -6.63
CA LYS A 76 1.87 18.46 -6.91
CA LYS A 76 1.85 18.41 -6.82
C LYS A 76 2.24 16.90 -6.80
N LYS A 77 3.13 16.57 -7.72
CA LYS A 77 3.64 15.23 -7.70
C LYS A 77 4.60 15.10 -6.54
N VAL A 78 4.40 14.08 -5.70
CA VAL A 78 5.28 13.76 -4.58
C VAL A 78 5.78 12.35 -4.80
N ILE A 79 7.10 12.16 -4.81
CA ILE A 79 7.67 10.81 -4.95
C ILE A 79 8.51 10.49 -3.71
N VAL A 80 8.67 9.20 -3.43
CA VAL A 80 9.51 8.68 -2.37
C VAL A 80 10.41 7.59 -2.97
N PRO A 81 11.64 7.45 -2.47
CA PRO A 81 12.48 6.39 -3.09
C PRO A 81 12.11 4.97 -2.66
N ASP A 82 11.68 4.80 -1.42
CA ASP A 82 11.31 3.47 -0.87
C ASP A 82 9.91 3.54 -0.26
N ARG A 83 8.97 2.89 -0.94
CA ARG A 83 7.57 2.89 -0.54
C ARG A 83 7.27 2.11 0.73
N SER A 84 8.19 1.26 1.17
CA SER A 84 8.03 0.51 2.42
C SER A 84 8.52 1.24 3.66
N ALA A 85 9.15 2.40 3.48
CA ALA A 85 9.55 3.24 4.61
C ALA A 85 8.29 3.76 5.31
N THR A 86 8.10 3.30 6.54
CA THR A 86 6.90 3.53 7.30
C THR A 86 7.20 3.69 8.80
N CYS A 87 6.19 4.02 9.58
CA CYS A 87 6.37 4.22 11.04
C CYS A 87 5.59 3.18 11.81
N PRO A 88 6.27 2.16 12.37
CA PRO A 88 5.62 1.11 13.16
C PRO A 88 4.70 1.63 14.26
N MET A 89 5.06 2.73 14.90
CA MET A 89 4.18 3.31 15.93
C MET A 89 2.86 3.78 15.33
N ALA A 90 2.97 4.61 14.30
CA ALA A 90 1.80 5.13 13.58
C ALA A 90 0.89 4.00 13.14
N ASN A 91 1.47 2.93 12.64
CA ASN A 91 0.71 1.83 12.07
C ASN A 91 -0.04 1.00 13.09
N ARG A 92 0.27 1.14 14.38
CA ARG A 92 -0.47 0.42 15.45
C ARG A 92 -1.84 1.02 15.82
N LEU A 93 -2.08 2.28 15.48
CA LEU A 93 -3.42 2.88 15.60
C LEU A 93 -4.23 2.64 14.32
N THR A 94 -5.51 2.36 14.51
CA THR A 94 -6.40 1.99 13.43
C THR A 94 -7.67 2.83 13.51
N PRO A 95 -8.41 2.93 12.39
CA PRO A 95 -9.74 3.52 12.43
C PRO A 95 -10.69 2.88 13.44
N GLU A 96 -10.58 1.56 13.60
CA GLU A 96 -11.42 0.79 14.51
C GLU A 96 -11.22 1.21 15.95
N ILE A 97 -9.96 1.31 16.38
CA ILE A 97 -9.65 1.73 17.75
C ILE A 97 -10.16 3.17 18.01
N ILE A 98 -10.02 4.05 17.03
CA ILE A 98 -10.47 5.44 17.19
C ILE A 98 -11.97 5.47 17.38
N ARG A 99 -12.65 4.74 16.50
CA ARG A 99 -14.11 4.63 16.57
C ARG A 99 -14.53 4.02 17.92
N GLU A 100 -13.82 2.95 18.34
CA GLU A 100 -14.08 2.33 19.67
C GLU A 100 -13.98 3.34 20.79
N TYR A 101 -12.90 4.12 20.82
CA TYR A 101 -12.67 5.11 21.88
C TYR A 101 -13.56 6.36 21.80
N ARG A 102 -13.91 6.78 20.60
CA ARG A 102 -14.92 7.86 20.45
C ARG A 102 -16.26 7.49 21.10
N GLU A 103 -16.69 6.25 20.90
CA GLU A 103 -17.94 5.76 21.53
C GLU A 103 -17.87 5.75 23.05
N LYS A 104 -16.75 5.29 23.60
CA LYS A 104 -16.55 5.27 25.06
C LYS A 104 -16.48 6.64 25.70
N PHE A 105 -15.86 7.59 25.04
CA PHE A 105 -15.67 8.93 25.57
C PHE A 105 -16.11 9.91 24.50
N PRO A 106 -17.43 10.02 24.26
CA PRO A 106 -17.93 10.87 23.17
C PRO A 106 -17.74 12.36 23.37
N ASP A 107 -17.45 12.81 24.59
CA ASP A 107 -17.15 14.22 24.80
C ASP A 107 -15.69 14.62 24.64
N ALA A 108 -14.80 13.65 24.46
CA ALA A 108 -13.37 13.89 24.31
C ALA A 108 -13.00 14.07 22.84
N PRO A 109 -12.31 15.18 22.51
CA PRO A 109 -11.80 15.26 21.16
C PRO A 109 -10.64 14.28 20.95
N VAL A 110 -10.52 13.82 19.70
CA VAL A 110 -9.44 12.98 19.23
C VAL A 110 -8.34 13.88 18.66
N VAL A 111 -7.24 13.95 19.39
CA VAL A 111 -6.02 14.66 19.00
C VAL A 111 -5.03 13.61 18.52
N LEU A 112 -4.73 13.65 17.22
CA LEU A 112 -3.81 12.68 16.62
CA LEU A 112 -3.85 12.70 16.57
C LEU A 112 -2.47 13.32 16.36
N TYR A 113 -1.43 12.64 16.81
CA TYR A 113 -0.05 12.99 16.54
C TYR A 113 0.19 12.85 15.02
N VAL A 114 1.00 13.75 14.44
CA VAL A 114 1.26 13.76 13.01
C VAL A 114 1.78 12.40 12.53
N ASN A 115 2.42 11.67 13.43
CA ASN A 115 2.87 10.29 13.20
C ASN A 115 1.69 9.36 13.31
N SER A 116 0.89 9.34 12.25
CA SER A 116 -0.35 8.61 12.16
C SER A 116 -0.65 8.38 10.70
N THR A 117 -1.43 7.34 10.41
CA THR A 117 -1.81 7.05 9.03
C THR A 117 -2.75 8.14 8.52
N SER A 118 -2.76 8.33 7.21
CA SER A 118 -3.65 9.27 6.56
C SER A 118 -5.11 8.96 6.83
N GLU A 119 -5.45 7.67 6.78
CA GLU A 119 -6.80 7.22 7.08
C GLU A 119 -7.19 7.60 8.52
N CYS A 120 -6.27 7.41 9.46
CA CYS A 120 -6.50 7.86 10.83
C CYS A 120 -6.74 9.37 10.92
N LYS A 121 -6.01 10.16 10.12
CA LYS A 121 -6.15 11.61 10.18
C LYS A 121 -7.58 12.03 9.78
N THR A 122 -8.19 11.31 8.83
CA THR A 122 -9.59 11.61 8.42
C THR A 122 -10.58 11.56 9.59
N LEU A 123 -10.24 10.84 10.66
CA LEU A 123 -11.09 10.69 11.82
C LEU A 123 -10.74 11.56 13.02
N ALA A 124 -9.65 12.33 12.94
CA ALA A 124 -9.18 13.11 14.10
C ALA A 124 -9.87 14.43 14.09
N ASP A 125 -10.06 14.99 15.28
CA ASP A 125 -10.57 16.35 15.42
C ASP A 125 -9.49 17.37 15.16
N VAL A 126 -8.27 17.05 15.57
CA VAL A 126 -7.14 17.93 15.29
C VAL A 126 -5.86 17.12 15.26
N ILE A 127 -4.90 17.60 14.49
CA ILE A 127 -3.55 17.07 14.43
C ILE A 127 -2.65 17.89 15.34
N CYS A 128 -1.60 17.26 15.87
CA CYS A 128 -0.47 17.98 16.47
C CYS A 128 0.89 17.41 16.09
N THR A 129 1.94 18.15 16.44
CA THR A 129 3.32 17.69 16.36
C THR A 129 3.87 17.65 17.80
N SER A 130 5.09 17.09 17.98
CA SER A 130 5.69 17.06 19.31
C SER A 130 5.95 18.49 19.81
N ALA A 131 6.23 19.43 18.89
CA ALA A 131 6.42 20.85 19.21
C ALA A 131 5.19 21.56 19.77
N ASN A 132 4.03 21.32 19.17
CA ASN A 132 2.83 22.09 19.48
C ASN A 132 1.73 21.34 20.24
N ALA A 133 1.96 20.07 20.58
CA ALA A 133 0.92 19.23 21.22
C ALA A 133 0.36 19.81 22.55
N VAL A 134 1.23 20.32 23.41
CA VAL A 134 0.81 20.93 24.67
C VAL A 134 -0.14 22.14 24.39
N GLU A 135 0.33 23.05 23.53
CA GLU A 135 -0.43 24.25 23.18
C GLU A 135 -1.77 23.94 22.53
N VAL A 136 -1.77 22.98 21.60
CA VAL A 136 -2.99 22.54 20.92
C VAL A 136 -4.01 22.01 21.93
N VAL A 137 -3.59 21.07 22.77
CA VAL A 137 -4.48 20.48 23.76
C VAL A 137 -4.94 21.53 24.76
N LYS A 138 -4.04 22.44 25.10
CA LYS A 138 -4.36 23.56 25.99
C LYS A 138 -5.51 24.41 25.42
N LYS A 139 -5.49 24.70 24.12
CA LYS A 139 -6.53 25.49 23.45
C LYS A 139 -7.88 24.82 23.20
N LEU A 140 -7.95 23.50 23.27
CA LEU A 140 -9.22 22.80 23.24
C LEU A 140 -10.06 23.06 24.51
N ASP A 141 -11.37 23.23 24.33
CA ASP A 141 -12.29 23.46 25.45
C ASP A 141 -12.23 22.33 26.45
N SER A 142 -12.16 21.10 25.95
CA SER A 142 -12.30 19.91 26.78
C SER A 142 -11.12 19.69 27.74
N SER A 143 -11.42 19.13 28.91
CA SER A 143 -10.39 18.77 29.89
C SER A 143 -10.15 17.25 29.94
N VAL A 144 -10.71 16.55 28.97
CA VAL A 144 -10.39 15.17 28.70
C VAL A 144 -10.25 15.03 27.18
N VAL A 145 -9.09 14.54 26.72
CA VAL A 145 -8.84 14.29 25.30
C VAL A 145 -8.37 12.85 25.04
N ILE A 146 -8.64 12.40 23.82
CA ILE A 146 -8.15 11.15 23.28
C ILE A 146 -6.94 11.52 22.46
N PHE A 147 -5.85 10.79 22.71
CA PHE A 147 -4.54 11.11 22.12
C PHE A 147 -3.82 9.86 21.68
N GLY A 148 -3.24 9.92 20.48
CA GLY A 148 -2.43 8.84 19.94
C GLY A 148 -1.62 9.27 18.72
N PRO A 149 -0.69 8.42 18.23
CA PRO A 149 -0.53 7.05 18.73
C PRO A 149 0.48 6.85 19.84
N ASP A 150 1.20 7.89 20.27
CA ASP A 150 2.30 7.74 21.23
CA ASP A 150 2.33 7.76 21.22
C ASP A 150 1.89 8.03 22.67
N ARG A 151 2.00 7.02 23.51
CA ARG A 151 1.66 7.14 24.92
C ARG A 151 2.55 8.09 25.69
N ASN A 152 3.83 8.07 25.40
CA ASN A 152 4.75 8.96 26.09
C ASN A 152 4.47 10.43 25.85
N LEU A 153 4.27 10.80 24.60
CA LEU A 153 3.89 12.19 24.25
C LEU A 153 2.55 12.56 24.92
N GLY A 154 1.59 11.64 24.87
CA GLY A 154 0.31 11.82 25.52
C GLY A 154 0.48 12.12 26.98
N GLU A 155 1.24 11.26 27.66
CA GLU A 155 1.53 11.47 29.07
C GLU A 155 2.25 12.78 29.36
N TYR A 156 3.19 13.16 28.52
CA TYR A 156 3.85 14.46 28.61
C TYR A 156 2.86 15.65 28.51
N VAL A 157 1.98 15.60 27.51
CA VAL A 157 0.90 16.57 27.34
C VAL A 157 -0.01 16.65 28.60
N ALA A 158 -0.35 15.49 29.16
CA ALA A 158 -1.13 15.46 30.39
C ALA A 158 -0.40 16.19 31.53
N GLU A 159 0.89 15.92 31.69
CA GLU A 159 1.70 16.61 32.72
C GLU A 159 1.69 18.11 32.51
N LYS A 160 1.97 18.54 31.28
CA LYS A 160 2.05 19.99 30.98
C LYS A 160 0.72 20.75 30.95
N THR A 161 -0.36 20.10 30.62
CA THR A 161 -1.67 20.77 30.50
C THR A 161 -2.54 20.59 31.76
N GLY A 162 -2.31 19.55 32.54
CA GLY A 162 -3.17 19.17 33.63
C GLY A 162 -4.47 18.50 33.22
N LYS A 163 -4.66 18.26 31.91
CA LYS A 163 -5.85 17.58 31.43
C LYS A 163 -5.68 16.06 31.47
N LYS A 164 -6.80 15.36 31.47
CA LYS A 164 -6.81 13.90 31.37
C LYS A 164 -6.60 13.50 29.90
N VAL A 165 -5.59 12.67 29.66
CA VAL A 165 -5.24 12.24 28.32
C VAL A 165 -5.43 10.75 28.26
N ILE A 166 -6.41 10.33 27.47
CA ILE A 166 -6.69 8.92 27.25
C ILE A 166 -5.87 8.49 26.02
N THR A 167 -4.82 7.69 26.23
CA THR A 167 -3.88 7.32 25.18
C THR A 167 -4.35 6.08 24.42
N ILE A 168 -4.24 6.11 23.10
CA ILE A 168 -4.51 4.95 22.22
C ILE A 168 -3.44 4.82 21.13
N PRO A 169 -3.17 3.60 20.64
CA PRO A 169 -3.63 2.32 21.18
C PRO A 169 -2.93 2.00 22.49
N GLU A 170 -3.22 0.84 23.06
CA GLU A 170 -2.56 0.40 24.30
C GLU A 170 -1.06 0.18 24.03
N ASN A 171 -0.23 0.73 24.90
CA ASN A 171 1.24 0.67 24.79
C ASN A 171 1.82 1.25 23.47
N GLY A 172 1.18 2.30 22.97
CA GLY A 172 1.65 2.98 21.76
C GLY A 172 2.97 3.69 22.07
N HIS A 173 4.02 3.42 21.31
CA HIS A 173 5.34 4.01 21.57
C HIS A 173 6.28 3.89 20.37
N CYS A 174 7.33 4.71 20.39
CA CYS A 174 8.38 4.65 19.41
C CYS A 174 9.55 3.83 19.97
N PRO A 175 9.92 2.71 19.33
CA PRO A 175 11.03 1.95 19.93
C PRO A 175 12.37 2.70 19.90
N VAL A 176 12.55 3.60 18.94
CA VAL A 176 13.77 4.38 18.79
C VAL A 176 14.11 5.20 20.02
N HIS A 177 13.09 5.78 20.64
CA HIS A 177 13.24 6.67 21.79
C HIS A 177 13.19 6.01 23.19
N GLN A 178 13.18 4.69 23.27
CA GLN A 178 13.22 4.02 24.57
C GLN A 178 14.66 3.94 25.12
N PHE A 179 15.28 5.10 25.31
CA PHE A 179 16.53 5.24 26.00
C PHE A 179 16.35 4.81 27.44
N ASN A 180 17.46 4.46 28.05
CA ASN A 180 17.49 4.05 29.44
C ASN A 180 17.98 5.24 30.27
N ALA A 181 17.34 5.52 31.39
CA ALA A 181 17.71 6.67 32.21
C ALA A 181 19.14 6.68 32.75
N GLU A 182 19.66 5.49 33.03
CA GLU A 182 21.02 5.31 33.49
C GLU A 182 21.99 5.89 32.46
N SER A 183 21.61 5.97 31.18
CA SER A 183 22.42 6.65 30.18
C SER A 183 22.66 8.13 30.49
N ILE A 184 21.67 8.78 31.08
CA ILE A 184 21.79 10.19 31.47
C ILE A 184 22.74 10.32 32.67
N ASP A 185 22.60 9.46 33.66
CA ASP A 185 23.56 9.40 34.80
C ASP A 185 25.01 9.32 34.31
N ALA A 186 25.23 8.41 33.36
CA ALA A 186 26.54 8.12 32.82
C ALA A 186 27.15 9.31 32.10
N VAL A 187 26.41 9.95 31.19
CA VAL A 187 26.92 11.20 30.53
C VAL A 187 27.13 12.38 31.43
N ARG A 188 26.39 12.47 32.51
CA ARG A 188 26.56 13.58 33.44
C ARG A 188 27.90 13.50 34.11
N LYS A 189 28.33 12.28 34.43
CA LYS A 189 29.64 12.09 35.06
C LYS A 189 30.74 12.32 34.03
N LYS A 190 30.55 11.80 32.82
CA LYS A 190 31.53 11.94 31.78
C LYS A 190 31.67 13.39 31.33
N TYR A 191 30.55 14.11 31.16
CA TYR A 191 30.53 15.52 30.73
C TYR A 191 29.69 16.33 31.73
N PRO A 192 30.30 16.76 32.85
CA PRO A 192 29.52 17.45 33.88
C PRO A 192 28.89 18.79 33.45
N ASP A 193 29.48 19.47 32.46
CA ASP A 193 28.93 20.74 31.97
C ASP A 193 28.02 20.59 30.72
N ALA A 194 27.71 19.35 30.33
CA ALA A 194 26.88 19.10 29.14
C ALA A 194 25.40 19.34 29.47
N LYS A 195 24.62 19.74 28.46
CA LYS A 195 23.17 19.84 28.60
C LYS A 195 22.54 18.66 27.90
N VAL A 196 21.59 18.00 28.56
CA VAL A 196 20.85 16.86 28.00
C VAL A 196 19.47 17.31 27.45
N ILE A 197 19.31 17.14 26.14
CA ILE A 197 18.06 17.40 25.44
C ILE A 197 17.51 16.08 24.91
N VAL A 198 16.27 15.77 25.26
CA VAL A 198 15.61 14.53 24.79
C VAL A 198 14.23 14.85 24.19
N HIS A 199 13.73 13.92 23.39
CA HIS A 199 12.42 14.02 22.74
C HIS A 199 11.30 13.63 23.74
N PRO A 200 10.12 14.28 23.66
CA PRO A 200 8.99 13.89 24.52
C PRO A 200 8.45 12.46 24.29
N GLU A 201 8.78 11.84 23.16
CA GLU A 201 8.55 10.40 22.90
C GLU A 201 9.35 9.51 23.83
N CYS A 202 10.39 10.04 24.42
CA CYS A 202 11.15 9.32 25.43
C CYS A 202 10.30 9.03 26.66
N PRO A 203 10.60 7.94 27.37
CA PRO A 203 9.85 7.64 28.59
C PRO A 203 10.05 8.66 29.71
N LYS A 204 9.09 8.72 30.63
CA LYS A 204 9.09 9.69 31.72
C LYS A 204 10.44 9.82 32.52
N PRO A 205 10.99 8.70 32.99
CA PRO A 205 12.28 8.81 33.72
C PRO A 205 13.41 9.49 32.94
N VAL A 206 13.43 9.32 31.61
CA VAL A 206 14.40 9.99 30.76
C VAL A 206 14.08 11.46 30.61
N ARG A 207 12.81 11.79 30.38
CA ARG A 207 12.39 13.19 30.27
C ARG A 207 12.68 13.96 31.56
N ASP A 208 12.38 13.33 32.68
CA ASP A 208 12.58 13.96 33.99
C ASP A 208 14.02 14.22 34.39
N LYS A 209 14.97 13.44 33.86
CA LYS A 209 16.39 13.65 34.09
C LYS A 209 17.07 14.62 33.10
N ALA A 210 16.36 14.97 32.04
CA ALA A 210 16.90 15.80 31.00
C ALA A 210 16.83 17.27 31.39
N ASP A 211 17.78 18.07 30.91
CA ASP A 211 17.70 19.52 31.02
C ASP A 211 16.59 20.13 30.15
N TYR A 212 16.41 19.59 28.94
CA TYR A 212 15.38 20.05 28.05
C TYR A 212 14.65 18.87 27.43
N VAL A 213 13.34 19.01 27.25
CA VAL A 213 12.53 18.09 26.47
C VAL A 213 11.99 18.89 25.29
N GLY A 214 12.21 18.41 24.06
CA GLY A 214 11.56 19.03 22.92
C GLY A 214 11.66 18.25 21.65
N SER A 215 10.93 18.73 20.65
CA SER A 215 10.91 18.16 19.29
C SER A 215 12.28 18.40 18.67
N THR A 216 12.57 17.74 17.56
CA THR A 216 13.82 18.05 16.86
C THR A 216 13.84 19.51 16.41
N GLY A 217 12.71 20.08 16.00
CA GLY A 217 12.64 21.52 15.68
C GLY A 217 13.01 22.42 16.85
N GLN A 218 12.55 22.01 18.02
CA GLN A 218 12.89 22.69 19.25
C GLN A 218 14.34 22.49 19.67
N MET A 219 14.84 21.26 19.52
CA MET A 219 16.26 20.98 19.79
C MET A 219 17.19 21.90 19.04
N GLU A 220 16.92 22.14 17.76
N GLU A 220 16.89 22.11 17.75
CA GLU A 220 17.87 22.88 16.95
CA GLU A 220 17.76 22.88 16.87
C GLU A 220 17.84 24.40 17.23
C GLU A 220 17.84 24.37 17.25
N LYS A 221 16.86 24.84 18.01
CA LYS A 221 16.82 26.23 18.50
C LYS A 221 17.49 26.40 19.85
N ILE A 222 17.66 25.34 20.63
CA ILE A 222 18.20 25.45 22.01
C ILE A 222 19.57 26.11 22.07
N PRO A 223 20.52 25.73 21.16
CA PRO A 223 21.83 26.35 21.21
C PRO A 223 21.89 27.81 20.77
N GLU A 224 20.80 28.34 20.21
CA GLU A 224 20.63 29.78 20.01
C GLU A 224 20.46 30.56 21.32
N ARG A 225 20.05 29.88 22.40
CA ARG A 225 19.90 30.52 23.72
C ARG A 225 20.69 29.86 24.87
N ASP A 226 21.19 28.66 24.64
CA ASP A 226 22.04 27.99 25.56
C ASP A 226 23.45 28.00 25.00
N PRO A 227 24.43 28.56 25.75
CA PRO A 227 25.81 28.66 25.24
C PRO A 227 26.69 27.42 25.50
N SER A 228 26.12 26.32 25.99
CA SER A 228 26.88 25.15 26.42
CA SER A 228 26.90 25.18 26.43
C SER A 228 27.70 24.60 25.27
N ARG A 229 28.91 24.18 25.56
CA ARG A 229 29.83 23.64 24.58
C ARG A 229 29.47 22.22 24.14
N ILE A 230 28.79 21.48 25.00
CA ILE A 230 28.41 20.11 24.74
C ILE A 230 26.92 19.90 25.00
N PHE A 231 26.22 19.36 24.00
CA PHE A 231 24.84 18.86 24.19
C PHE A 231 24.79 17.34 24.00
N VAL A 232 23.99 16.67 24.82
CA VAL A 232 23.79 15.22 24.70
C VAL A 232 22.36 15.09 24.18
N ILE A 233 22.17 14.33 23.11
CA ILE A 233 20.92 14.33 22.38
C ILE A 233 20.19 12.98 22.50
N GLY A 234 18.97 13.01 23.02
CA GLY A 234 18.12 11.82 23.13
C GLY A 234 17.04 11.78 22.07
N THR A 235 17.47 11.52 20.84
CA THR A 235 16.57 11.25 19.75
C THR A 235 17.35 10.45 18.68
N GLU A 236 16.70 10.24 17.55
CA GLU A 236 17.28 9.43 16.47
C GLU A 236 18.57 10.03 15.96
N ILE A 237 19.53 9.16 15.62
CA ILE A 237 20.91 9.57 15.36
C ILE A 237 21.08 10.65 14.28
N GLY A 238 20.18 10.71 13.29
CA GLY A 238 20.27 11.72 12.21
C GLY A 238 20.29 13.17 12.67
N MET A 239 19.68 13.43 13.83
CA MET A 239 19.67 14.79 14.39
C MET A 239 21.07 15.30 14.78
N ILE A 240 21.98 14.39 15.15
CA ILE A 240 23.35 14.79 15.48
C ILE A 240 24.00 15.52 14.31
N HIS A 241 23.91 14.97 13.11
CA HIS A 241 24.44 15.61 11.90
C HIS A 241 23.80 16.97 11.67
N LYS A 242 22.46 17.02 11.77
CA LYS A 242 21.71 18.27 11.60
C LYS A 242 22.29 19.33 12.55
N LEU A 243 22.38 18.96 13.83
CA LEU A 243 22.83 19.89 14.86
C LEU A 243 24.29 20.34 14.68
N LYS A 244 25.16 19.39 14.37
CA LYS A 244 26.56 19.68 14.09
C LYS A 244 26.70 20.66 12.91
N LYS A 245 25.87 20.45 11.89
CA LYS A 245 25.87 21.33 10.74
C LYS A 245 25.44 22.75 11.09
N LYS A 246 24.34 22.90 11.83
CA LYS A 246 23.85 24.21 12.24
C LYS A 246 24.77 24.91 13.27
N PHE A 247 25.37 24.14 14.18
CA PHE A 247 26.25 24.68 15.23
C PHE A 247 27.63 24.00 15.24
N PRO A 248 28.49 24.31 14.24
CA PRO A 248 29.79 23.62 14.15
C PRO A 248 30.72 23.87 15.32
N ASP A 249 30.46 24.94 16.07
CA ASP A 249 31.22 25.28 17.29
C ASP A 249 30.93 24.44 18.50
N ARG A 250 29.86 23.66 18.51
CA ARG A 250 29.51 22.82 19.67
C ARG A 250 29.73 21.34 19.39
N GLU A 251 29.66 20.56 20.45
CA GLU A 251 29.72 19.10 20.34
CA GLU A 251 29.74 19.10 20.35
C GLU A 251 28.36 18.51 20.61
N PHE A 252 27.91 17.64 19.73
CA PHE A 252 26.67 16.89 19.91
C PHE A 252 26.92 15.41 20.09
N VAL A 253 26.54 14.89 21.24
CA VAL A 253 26.81 13.53 21.63
C VAL A 253 25.50 12.77 21.72
N PRO A 254 25.39 11.59 21.09
CA PRO A 254 24.16 10.82 21.20
C PRO A 254 23.97 10.37 22.61
N LEU A 255 22.74 10.35 23.11
CA LEU A 255 22.49 9.80 24.44
C LEU A 255 22.82 8.30 24.43
N GLU A 256 22.30 7.66 23.41
CA GLU A 256 22.67 6.32 22.98
C GLU A 256 22.56 6.33 21.45
N MET A 257 23.19 5.38 20.79
CA MET A 257 22.95 5.18 19.35
C MET A 257 21.50 4.66 19.22
N ALA A 258 20.66 5.44 18.55
CA ALA A 258 19.25 5.08 18.30
C ALA A 258 18.95 5.29 16.82
N VAL A 259 18.65 4.22 16.11
CA VAL A 259 18.50 4.28 14.63
C VAL A 259 17.08 3.83 14.30
N CYS A 260 16.40 4.63 13.48
CA CYS A 260 15.10 4.26 12.91
C CYS A 260 15.40 3.56 11.60
N VAL A 261 15.20 2.24 11.57
CA VAL A 261 15.54 1.42 10.42
C VAL A 261 14.77 1.89 9.20
N ASN A 262 13.51 2.23 9.39
CA ASN A 262 12.69 2.74 8.29
C ASN A 262 13.20 4.05 7.68
N MET A 263 13.62 4.98 8.52
CA MET A 263 14.27 6.19 8.02
C MET A 263 15.54 5.92 7.22
N LYS A 264 16.27 4.85 7.57
CA LYS A 264 17.53 4.49 6.85
C LYS A 264 17.34 3.65 5.58
N LYS A 265 16.10 3.36 5.22
CA LYS A 265 15.79 2.69 3.94
C LYS A 265 16.11 3.55 2.75
N ASN A 266 16.09 4.87 2.94
CA ASN A 266 16.44 5.81 1.89
C ASN A 266 17.93 6.03 1.80
N THR A 267 18.43 5.94 0.57
CA THR A 267 19.86 5.94 0.29
C THR A 267 20.13 6.87 -0.89
N LEU A 268 21.41 7.19 -1.10
CA LEU A 268 21.81 7.93 -2.27
C LEU A 268 21.44 7.20 -3.53
N GLU A 269 21.67 5.88 -3.55
CA GLU A 269 21.37 5.04 -4.69
C GLU A 269 19.87 5.02 -5.05
N ASN A 270 19.01 4.64 -4.10
CA ASN A 270 17.57 4.60 -4.39
C ASN A 270 16.95 5.98 -4.54
N THR A 271 17.63 7.01 -4.01
CA THR A 271 17.19 8.39 -4.24
C THR A 271 17.50 8.78 -5.68
N LEU A 272 18.68 8.40 -6.17
CA LEU A 272 19.03 8.66 -7.57
C LEU A 272 18.03 7.96 -8.48
N HIS A 273 17.79 6.67 -8.21
N HIS A 273 17.79 6.68 -8.21
CA HIS A 273 16.83 5.88 -8.98
CA HIS A 273 16.83 5.91 -8.99
C HIS A 273 15.47 6.56 -9.05
C HIS A 273 15.47 6.57 -9.05
N ALA A 274 15.04 7.13 -7.91
CA ALA A 274 13.75 7.82 -7.81
C ALA A 274 13.64 8.99 -8.75
N LEU A 275 14.70 9.77 -8.86
CA LEU A 275 14.74 10.92 -9.76
C LEU A 275 14.83 10.49 -11.22
N GLN A 276 15.56 9.42 -11.51
CA GLN A 276 15.65 8.88 -12.89
C GLN A 276 14.29 8.37 -13.41
N THR A 277 13.53 7.69 -12.54
CA THR A 277 12.26 7.11 -12.90
C THR A 277 11.05 7.92 -12.49
N GLU A 278 11.26 9.03 -11.78
CA GLU A 278 10.21 9.81 -11.14
C GLU A 278 9.16 8.94 -10.46
N SER A 279 9.67 8.00 -9.65
CA SER A 279 8.83 7.08 -8.87
C SER A 279 9.43 6.96 -7.45
N PHE A 280 8.65 6.65 -6.41
CA PHE A 280 7.27 6.23 -6.45
C PHE A 280 6.30 7.35 -6.01
N GLU A 281 5.42 7.74 -6.94
CA GLU A 281 4.43 8.76 -6.71
C GLU A 281 3.50 8.39 -5.53
N VAL A 282 3.28 9.34 -4.66
CA VAL A 282 2.28 9.21 -3.60
C VAL A 282 0.92 9.49 -4.22
N ILE A 283 0.04 8.50 -4.18
N ILE A 283 0.05 8.48 -4.19
CA ILE A 283 -1.30 8.60 -4.74
CA ILE A 283 -1.29 8.58 -4.76
C ILE A 283 -2.29 8.38 -3.62
C ILE A 283 -2.30 8.35 -3.65
N LEU A 284 -3.14 9.35 -3.38
CA LEU A 284 -4.21 9.28 -2.37
C LEU A 284 -5.58 9.52 -3.01
N PRO A 285 -6.63 8.85 -2.53
CA PRO A 285 -7.95 9.26 -3.01
C PRO A 285 -8.28 10.73 -2.63
N LYS A 286 -8.93 11.42 -3.56
CA LYS A 286 -9.50 12.78 -3.33
C LYS A 286 -10.20 12.95 -1.99
N GLU A 287 -10.98 11.94 -1.62
CA GLU A 287 -11.84 12.00 -0.45
C GLU A 287 -11.01 11.95 0.85
N VAL A 288 -9.94 11.16 0.86
CA VAL A 288 -9.01 11.11 1.98
C VAL A 288 -8.28 12.45 2.07
N ILE A 289 -7.77 12.95 0.94
CA ILE A 289 -7.16 14.31 0.95
C ILE A 289 -8.11 15.34 1.62
N GLU A 290 -9.36 15.37 1.17
CA GLU A 290 -10.40 16.35 1.65
C GLU A 290 -10.65 16.28 3.16
N LYS A 291 -10.86 15.06 3.64
CA LYS A 291 -11.15 14.82 5.03
C LYS A 291 -9.92 15.00 5.92
N ALA A 292 -8.76 14.51 5.52
CA ALA A 292 -7.56 14.56 6.37
C ALA A 292 -6.99 15.98 6.44
N LYS A 293 -7.23 16.80 5.42
CA LYS A 293 -6.79 18.21 5.45
C LYS A 293 -7.47 18.97 6.61
N LYS A 294 -8.70 18.59 6.98
CA LYS A 294 -9.49 19.31 7.99
C LYS A 294 -8.76 19.43 9.34
N PRO A 295 -8.37 18.31 9.95
CA PRO A 295 -7.69 18.47 11.25
C PRO A 295 -6.26 19.09 11.13
N ILE A 296 -5.65 19.01 9.95
CA ILE A 296 -4.34 19.61 9.71
C ILE A 296 -4.50 21.13 9.61
N LEU A 297 -5.49 21.63 8.86
CA LEU A 297 -5.76 23.07 8.85
C LEU A 297 -6.22 23.61 10.21
N ARG A 298 -7.00 22.84 10.93
CA ARG A 298 -7.37 23.25 12.28
C ARG A 298 -6.18 23.47 13.19
N MET A 299 -5.20 22.58 13.11
CA MET A 299 -3.96 22.73 13.89
C MET A 299 -3.32 24.10 13.63
N PHE A 300 -3.12 24.42 12.35
CA PHE A 300 -2.61 25.74 11.93
CA PHE A 300 -2.57 25.74 11.95
C PHE A 300 -3.47 26.98 12.35
N GLU A 301 -4.79 26.76 12.22
CA GLU A 301 -5.78 27.76 12.64
C GLU A 301 -5.61 28.04 14.14
N LEU A 302 -5.54 26.98 14.97
CA LEU A 302 -5.38 27.11 16.43
C LEU A 302 -4.07 27.75 16.85
N MET A 303 -2.98 27.43 16.15
CA MET A 303 -1.66 28.00 16.46
C MET A 303 -1.40 29.37 15.85
N GLY A 304 -2.27 29.84 14.96
CA GLY A 304 -2.05 31.09 14.22
C GLY A 304 -1.96 32.33 15.10
N HIS B 1 -20.92 -35.67 -8.54
CA HIS B 1 -21.26 -37.08 -8.79
C HIS B 1 -20.91 -37.96 -7.62
N HIS B 2 -21.78 -38.94 -7.35
CA HIS B 2 -21.66 -39.85 -6.22
C HIS B 2 -20.33 -40.58 -6.11
N HIS B 3 -19.73 -40.98 -7.22
CA HIS B 3 -18.44 -41.68 -7.14
C HIS B 3 -17.34 -40.90 -6.41
N HIS B 4 -17.38 -39.56 -6.49
N HIS B 4 -14.77 -40.52 -7.37
CA HIS B 4 -16.50 -38.70 -5.73
CA HIS B 4 -14.57 -39.08 -7.12
C HIS B 4 -17.01 -38.41 -4.30
C HIS B 4 -15.28 -38.64 -5.86
N HIS B 5 -18.12 -38.99 -3.86
N HIS B 5 -16.46 -39.19 -5.57
CA HIS B 5 -18.71 -38.60 -2.58
CA HIS B 5 -17.12 -38.89 -4.30
C HIS B 5 -17.79 -38.82 -1.39
C HIS B 5 -16.15 -39.26 -3.19
N HIS B 6 -16.98 -39.87 -1.42
N HIS B 6 -15.49 -40.40 -3.33
CA HIS B 6 -16.08 -40.15 -0.32
CA HIS B 6 -14.57 -40.74 -2.28
C HIS B 6 -14.79 -39.32 -0.37
C HIS B 6 -13.71 -39.50 -2.04
N MET B 7 -14.44 -38.84 -1.56
N MET B 7 -12.91 -39.17 -3.04
CA MET B 7 -13.33 -37.89 -1.71
CA MET B 7 -12.02 -38.02 -2.94
C MET B 7 -13.75 -36.52 -1.21
C MET B 7 -12.74 -36.79 -2.42
N VAL B 8 -14.97 -36.13 -1.56
N VAL B 8 -13.92 -36.51 -2.97
CA VAL B 8 -15.55 -34.87 -1.11
CA VAL B 8 -14.71 -35.35 -2.53
C VAL B 8 -15.70 -34.85 0.41
C VAL B 8 -15.00 -35.44 -1.04
N ASP B 9 -16.23 -35.95 0.96
N ASP B 9 -15.47 -36.57 -0.58
CA ASP B 9 -16.44 -36.05 2.40
CA ASP B 9 -15.81 -36.71 0.83
C ASP B 9 -15.13 -35.87 3.18
C ASP B 9 -14.57 -36.59 1.73
N GLU B 10 -14.04 -36.47 2.68
N GLU B 10 -13.43 -37.09 1.25
CA GLU B 10 -12.73 -36.33 3.33
CA GLU B 10 -12.22 -37.03 2.07
C GLU B 10 -12.21 -34.90 3.21
C GLU B 10 -11.68 -35.60 2.11
N ILE B 11 -12.53 -34.24 2.10
N ILE B 11 -11.83 -34.89 1.01
CA ILE B 11 -12.16 -32.84 1.93
CA ILE B 11 -11.45 -33.48 0.95
C ILE B 11 -12.91 -31.97 2.94
C ILE B 11 -12.26 -32.66 1.95
N LEU B 12 -14.22 -32.13 3.03
N LEU B 12 -13.57 -32.85 1.95
CA LEU B 12 -15.05 -31.37 3.98
CA LEU B 12 -14.44 -32.10 2.84
C LEU B 12 -14.59 -31.59 5.43
C LEU B 12 -14.13 -32.48 4.29
N LYS B 13 -14.32 -32.83 5.80
N LYS B 13 -13.78 -33.74 4.50
CA LYS B 13 -13.93 -33.15 7.17
CA LYS B 13 -13.47 -34.26 5.84
C LYS B 13 -12.57 -32.55 7.54
C LYS B 13 -12.22 -33.61 6.41
N LEU B 14 -11.58 -32.72 6.66
N LEU B 14 -11.15 -33.56 5.60
CA LEU B 14 -10.24 -32.19 6.92
CA LEU B 14 -9.88 -33.02 6.06
C LEU B 14 -10.24 -30.69 6.94
C LEU B 14 -9.91 -31.51 6.18
N LYS B 15 -10.98 -30.10 6.01
N LYS B 15 -10.73 -30.85 5.38
CA LYS B 15 -11.11 -28.67 5.93
CA LYS B 15 -10.77 -29.39 5.42
C LYS B 15 -11.64 -28.08 7.23
C LYS B 15 -11.35 -28.93 6.74
N LYS B 16 -12.66 -28.73 7.79
N LYS B 16 -12.43 -29.58 7.19
CA LYS B 16 -13.32 -28.26 9.02
CA LYS B 16 -13.03 -29.25 8.47
C LYS B 16 -12.38 -28.46 10.18
C LYS B 16 -12.09 -29.68 9.59
N GLU B 17 -11.83 -29.66 10.21
N GLU B 17 -11.58 -30.89 9.49
CA GLU B 17 -10.94 -30.15 11.24
CA GLU B 17 -10.70 -31.44 10.51
C GLU B 17 -9.70 -29.28 11.41
C GLU B 17 -9.52 -30.51 10.81
N LYS B 18 -9.02 -29.02 10.31
N LYS B 18 -8.88 -29.98 9.78
CA LYS B 18 -7.77 -28.26 10.34
CA LYS B 18 -7.67 -29.16 9.96
C LYS B 18 -7.98 -26.77 10.16
C LYS B 18 -7.85 -27.64 9.95
N GLY B 19 -9.23 -26.37 10.04
N GLY B 19 -9.09 -27.15 9.84
CA GLY B 19 -9.55 -24.97 9.93
CA GLY B 19 -9.35 -25.72 9.95
C GLY B 19 -9.07 -24.36 8.63
C GLY B 19 -9.06 -24.87 8.74
N TYR B 20 -9.21 -25.12 7.53
N TYR B 20 -9.23 -25.45 7.55
CA TYR B 20 -8.97 -24.54 6.22
CA TYR B 20 -9.01 -24.73 6.31
C TYR B 20 -10.24 -23.96 5.66
C TYR B 20 -10.28 -24.18 5.72
N ILE B 21 -10.10 -22.89 4.88
N ILE B 21 -10.14 -23.05 5.02
CA ILE B 21 -11.14 -22.47 3.96
CA ILE B 21 -11.13 -22.54 4.05
C ILE B 21 -10.59 -22.74 2.58
C ILE B 21 -10.60 -22.79 2.63
N ILE B 22 -11.49 -23.15 1.69
CA ILE B 22 -11.12 -23.43 0.31
C ILE B 22 -11.64 -22.27 -0.53
N LEU B 23 -10.71 -21.60 -1.21
CA LEU B 23 -11.02 -20.52 -2.12
C LEU B 23 -10.71 -20.96 -3.54
N ALA B 24 -11.65 -20.74 -4.46
CA ALA B 24 -11.50 -21.27 -5.84
C ALA B 24 -11.79 -20.19 -6.87
N HIS B 25 -10.87 -20.02 -7.81
CA HIS B 25 -11.13 -19.12 -8.92
C HIS B 25 -12.29 -19.63 -9.81
N ASN B 26 -12.98 -18.71 -10.47
CA ASN B 26 -14.07 -19.02 -11.43
C ASN B 26 -13.65 -19.95 -12.58
N PHE B 27 -12.36 -20.06 -12.85
CA PHE B 27 -11.88 -20.88 -13.98
C PHE B 27 -11.46 -22.27 -13.51
N GLN B 28 -11.72 -22.62 -12.26
CA GLN B 28 -11.39 -23.95 -11.79
C GLN B 28 -12.45 -24.91 -12.32
N ILE B 29 -12.07 -26.20 -12.44
CA ILE B 29 -13.02 -27.23 -12.84
C ILE B 29 -14.28 -27.21 -11.94
N PRO B 30 -15.43 -27.65 -12.49
CA PRO B 30 -16.66 -27.63 -11.68
C PRO B 30 -16.57 -28.37 -10.33
N GLU B 31 -15.87 -29.51 -10.33
CA GLU B 31 -15.66 -30.34 -9.13
C GLU B 31 -15.03 -29.57 -7.98
N LEU B 32 -14.03 -28.75 -8.31
CA LEU B 32 -13.36 -27.91 -7.31
C LEU B 32 -14.18 -26.67 -6.92
N GLN B 33 -14.90 -26.07 -7.87
CA GLN B 33 -15.86 -25.00 -7.55
C GLN B 33 -16.91 -25.49 -6.56
N ASP B 34 -17.41 -26.71 -6.77
CA ASP B 34 -18.43 -27.28 -5.91
C ASP B 34 -17.95 -27.52 -4.47
N ILE B 35 -16.70 -27.91 -4.28
CA ILE B 35 -16.18 -28.14 -2.90
C ILE B 35 -15.64 -26.89 -2.20
N ALA B 36 -15.50 -25.77 -2.93
CA ALA B 36 -14.98 -24.52 -2.38
C ALA B 36 -15.99 -23.84 -1.46
N ASP B 37 -15.50 -23.22 -0.41
CA ASP B 37 -16.31 -22.35 0.43
C ASP B 37 -16.71 -21.06 -0.31
N PHE B 38 -15.81 -20.56 -1.17
N PHE B 38 -15.84 -20.60 -1.21
CA PHE B 38 -16.10 -19.37 -1.97
CA PHE B 38 -16.04 -19.34 -1.93
C PHE B 38 -15.47 -19.48 -3.35
C PHE B 38 -15.46 -19.47 -3.34
N VAL B 39 -16.23 -19.06 -4.34
CA VAL B 39 -15.81 -19.09 -5.75
C VAL B 39 -15.96 -17.68 -6.30
N GLY B 40 -14.91 -17.20 -6.96
N GLY B 40 -14.93 -17.18 -6.92
CA GLY B 40 -14.94 -15.89 -7.56
CA GLY B 40 -15.02 -15.85 -7.45
C GLY B 40 -13.63 -15.57 -8.22
C GLY B 40 -13.88 -15.42 -8.28
N ASP B 41 -13.40 -14.29 -8.46
N ASP B 41 -13.89 -14.16 -8.58
CA ASP B 41 -12.19 -13.83 -9.09
CA ASP B 41 -12.89 -13.59 -9.41
C ASP B 41 -11.06 -13.67 -8.07
C ASP B 41 -11.74 -13.04 -8.71
N SER B 42 -9.88 -13.35 -8.56
N SER B 42 -10.97 -12.35 -9.54
CA SER B 42 -8.69 -13.26 -7.74
CA SER B 42 -9.75 -11.71 -9.24
C SER B 42 -8.83 -12.39 -6.51
C SER B 42 -10.02 -10.68 -8.10
N LEU B 43 -9.14 -11.12 -6.73
N LEU B 43 -10.89 -9.72 -8.40
CA LEU B 43 -9.22 -10.18 -5.65
CA LEU B 43 -11.30 -8.67 -7.45
C LEU B 43 -10.39 -10.46 -4.74
C LEU B 43 -11.97 -9.17 -6.15
N GLN B 44 -11.51 -10.84 -5.30
N GLN B 44 -12.98 -10.03 -6.29
CA GLN B 44 -12.69 -11.21 -4.53
CA GLN B 44 -13.71 -10.63 -5.18
C GLN B 44 -12.39 -12.29 -3.45
C GLN B 44 -12.84 -11.46 -4.33
N LEU B 45 -11.65 -13.30 -3.87
N LEU B 45 -11.91 -12.08 -5.02
CA LEU B 45 -11.22 -14.40 -3.04
CA LEU B 45 -11.00 -12.83 -4.27
C LEU B 45 -10.24 -13.94 -1.95
C LEU B 45 -10.06 -11.86 -3.52
N ALA B 46 -9.24 -13.16 -2.32
N ALA B 46 -9.70 -10.73 -4.16
CA ALA B 46 -8.28 -12.63 -1.37
CA ALA B 46 -8.80 -9.75 -3.54
C ALA B 46 -8.94 -11.75 -0.30
C ALA B 46 -9.46 -9.05 -2.36
N ARG B 47 -9.84 -10.88 -0.74
N ARG B 47 -10.73 -8.70 -2.54
CA ARG B 47 -10.58 -10.01 0.16
CA ARG B 47 -11.52 -8.05 -1.50
C ARG B 47 -11.43 -10.89 1.07
C ARG B 47 -11.70 -9.02 -0.33
N LYS B 48 -12.16 -11.83 0.50
N LYS B 48 -12.04 -10.27 -0.66
CA LYS B 48 -12.93 -12.78 1.30
CA LYS B 48 -12.25 -11.29 0.35
C LYS B 48 -12.08 -13.46 2.38
C LYS B 48 -10.97 -11.50 1.15
N ALA B 49 -10.89 -13.91 2.05
N ALA B 49 -9.82 -11.37 0.46
CA ALA B 49 -10.01 -14.54 3.04
CA ALA B 49 -8.53 -11.56 1.09
C ALA B 49 -9.65 -13.67 4.25
C ALA B 49 -8.22 -10.45 2.09
N MET B 50 -9.59 -12.37 4.05
N MET B 50 -8.83 -9.29 1.88
CA MET B 50 -9.29 -11.40 5.10
CA MET B 50 -8.63 -8.16 2.77
C MET B 50 -10.35 -11.37 6.21
C MET B 50 -9.09 -8.45 4.19
N GLU B 51 -11.57 -11.58 5.79
N GLU B 51 -10.24 -9.08 4.33
CA GLU B 51 -12.69 -11.53 6.70
CA GLU B 51 -10.82 -9.36 5.63
C GLU B 51 -13.04 -12.84 7.42
C GLU B 51 -11.16 -10.83 5.81
N LEU B 52 -12.27 -13.91 7.21
N LEU B 52 -10.13 -11.66 5.98
CA LEU B 52 -12.57 -15.19 7.84
CA LEU B 52 -10.36 -13.06 6.28
C LEU B 52 -11.66 -15.62 8.95
C LEU B 52 -9.99 -13.32 7.74
N SER B 53 -12.26 -16.42 9.82
N SER B 53 -10.68 -14.27 8.36
CA SER B 53 -11.62 -16.94 11.01
CA SER B 53 -10.47 -14.54 9.78
C SER B 53 -10.62 -18.03 10.71
C SER B 53 -9.82 -15.91 10.09
N GLU B 54 -10.87 -18.84 9.69
N GLU B 54 -10.19 -16.95 9.34
CA GLU B 54 -9.94 -19.90 9.29
CA GLU B 54 -9.66 -18.32 9.57
C GLU B 54 -8.53 -19.37 9.05
C GLU B 54 -8.16 -18.44 9.30
N LYS B 55 -7.56 -19.92 9.78
N LYS B 55 -7.49 -19.45 9.84
CA LYS B 55 -6.18 -19.47 9.76
CA LYS B 55 -6.03 -19.44 9.82
C LYS B 55 -5.36 -20.07 8.62
C LYS B 55 -5.31 -20.10 8.64
N LYS B 56 -5.96 -21.03 7.93
CA LYS B 56 -5.31 -21.73 6.84
C LYS B 56 -6.22 -21.68 5.62
N ILE B 57 -5.60 -21.55 4.45
CA ILE B 57 -6.34 -21.34 3.20
C ILE B 57 -5.80 -22.30 2.17
N LEU B 58 -6.71 -22.99 1.48
CA LEU B 58 -6.35 -23.79 0.32
C LEU B 58 -6.83 -23.02 -0.90
N PHE B 59 -5.88 -22.56 -1.70
CA PHE B 59 -6.20 -21.72 -2.81
C PHE B 59 -6.13 -22.53 -4.10
N LEU B 60 -7.20 -22.43 -4.89
CA LEU B 60 -7.36 -23.15 -6.13
C LEU B 60 -7.43 -22.14 -7.28
N GLY B 61 -6.28 -21.96 -7.92
CA GLY B 61 -6.12 -21.04 -9.04
C GLY B 61 -4.69 -21.13 -9.58
N VAL B 62 -4.11 -19.98 -9.91
CA VAL B 62 -2.72 -19.92 -10.36
C VAL B 62 -1.92 -19.05 -9.40
N ASP B 63 -0.60 -19.08 -9.57
CA ASP B 63 0.35 -18.69 -8.52
C ASP B 63 0.20 -17.26 -8.06
N PHE B 64 0.10 -16.34 -9.02
CA PHE B 64 0.02 -14.91 -8.71
C PHE B 64 -1.19 -14.58 -7.81
N MET B 65 -2.28 -15.32 -8.00
CA MET B 65 -3.51 -15.17 -7.20
C MET B 65 -3.30 -15.72 -5.79
N ALA B 66 -2.66 -16.88 -5.67
CA ALA B 66 -2.34 -17.44 -4.36
C ALA B 66 -1.41 -16.50 -3.60
N GLU B 67 -0.50 -15.86 -4.35
CA GLU B 67 0.41 -14.91 -3.75
C GLU B 67 -0.30 -13.64 -3.30
N LEU B 68 -1.26 -13.17 -4.10
CA LEU B 68 -2.11 -12.03 -3.73
C LEU B 68 -2.79 -12.30 -2.40
N VAL B 69 -3.34 -13.50 -2.24
CA VAL B 69 -3.98 -13.90 -1.00
C VAL B 69 -2.99 -13.86 0.17
N LYS B 70 -1.78 -14.37 -0.07
CA LYS B 70 -0.73 -14.38 0.96
C LYS B 70 -0.26 -12.96 1.31
N ILE B 71 -0.12 -12.11 0.30
CA ILE B 71 0.24 -10.71 0.47
C ILE B 71 -0.73 -9.98 1.42
N LEU B 72 -2.02 -10.18 1.21
CA LEU B 72 -3.07 -9.56 2.04
C LEU B 72 -3.42 -10.33 3.32
N ASN B 73 -2.96 -11.58 3.44
CA ASN B 73 -3.15 -12.41 4.63
C ASN B 73 -1.84 -13.05 5.09
N PRO B 74 -0.82 -12.22 5.36
CA PRO B 74 0.52 -12.75 5.59
C PRO B 74 0.72 -13.66 6.79
N ASP B 75 -0.22 -13.64 7.74
CA ASP B 75 -0.12 -14.48 8.92
C ASP B 75 -0.96 -15.75 8.81
N LYS B 76 -1.61 -15.96 7.66
CA LYS B 76 -2.30 -17.22 7.39
C LYS B 76 -1.41 -18.12 6.53
N LYS B 77 -1.56 -19.43 6.71
CA LYS B 77 -0.93 -20.38 5.82
C LYS B 77 -1.79 -20.47 4.56
N VAL B 78 -1.18 -20.27 3.40
CA VAL B 78 -1.84 -20.42 2.10
C VAL B 78 -1.16 -21.57 1.36
N ILE B 79 -1.91 -22.61 1.02
CA ILE B 79 -1.34 -23.71 0.24
C ILE B 79 -1.98 -23.78 -1.16
N VAL B 80 -1.26 -24.36 -2.12
CA VAL B 80 -1.75 -24.61 -3.47
C VAL B 80 -1.47 -26.07 -3.82
N PRO B 81 -2.41 -26.75 -4.51
CA PRO B 81 -2.13 -28.14 -4.85
C PRO B 81 -1.01 -28.32 -5.87
N ASP B 82 -0.87 -27.43 -6.84
CA ASP B 82 0.13 -27.54 -7.90
C ASP B 82 0.92 -26.23 -7.99
N ARG B 83 2.19 -26.30 -7.61
CA ARG B 83 3.06 -25.12 -7.59
C ARG B 83 3.46 -24.55 -8.97
N SER B 84 3.24 -25.32 -10.04
CA SER B 84 3.57 -24.87 -11.40
C SER B 84 2.41 -24.19 -12.11
N ALA B 85 1.23 -24.23 -11.50
CA ALA B 85 0.07 -23.51 -12.05
C ALA B 85 0.37 -22.02 -12.04
N THR B 86 0.50 -21.47 -13.23
CA THR B 86 0.94 -20.09 -13.40
C THR B 86 0.20 -19.41 -14.56
N CYS B 87 0.53 -18.15 -14.83
CA CYS B 87 -0.14 -17.41 -15.88
C CYS B 87 0.91 -16.93 -16.86
N PRO B 88 0.94 -17.54 -18.07
CA PRO B 88 1.90 -17.17 -19.11
C PRO B 88 1.92 -15.69 -19.48
N MET B 89 0.77 -15.05 -19.48
CA MET B 89 0.68 -13.62 -19.77
C MET B 89 1.43 -12.84 -18.70
N ALA B 90 1.04 -13.05 -17.44
CA ALA B 90 1.71 -12.40 -16.30
C ALA B 90 3.23 -12.57 -16.36
N ASN B 91 3.69 -13.77 -16.71
CA ASN B 91 5.13 -14.05 -16.68
C ASN B 91 5.96 -13.31 -17.72
N ARG B 92 5.33 -12.80 -18.78
CA ARG B 92 6.07 -12.05 -19.82
C ARG B 92 6.42 -10.61 -19.44
N LEU B 93 5.78 -10.07 -18.41
CA LEU B 93 6.19 -8.75 -17.90
C LEU B 93 7.24 -8.97 -16.82
N THR B 94 8.28 -8.16 -16.86
CA THR B 94 9.42 -8.29 -15.94
C THR B 94 9.69 -6.95 -15.26
N PRO B 95 10.42 -6.95 -14.12
CA PRO B 95 10.93 -5.73 -13.53
C PRO B 95 11.76 -4.87 -14.49
N GLU B 96 12.56 -5.52 -15.33
CA GLU B 96 13.41 -4.84 -16.30
C GLU B 96 12.58 -4.01 -17.29
N ILE B 97 11.51 -4.59 -17.81
CA ILE B 97 10.62 -3.86 -18.73
C ILE B 97 9.90 -2.70 -18.02
N ILE B 98 9.45 -2.91 -16.78
CA ILE B 98 8.76 -1.84 -16.06
C ILE B 98 9.71 -0.66 -15.88
N ARG B 99 10.93 -0.97 -15.44
CA ARG B 99 11.93 0.05 -15.19
C ARG B 99 12.31 0.78 -16.47
N GLU B 100 12.43 0.03 -17.57
CA GLU B 100 12.69 0.59 -18.91
C GLU B 100 11.60 1.59 -19.29
N TYR B 101 10.34 1.19 -19.11
CA TYR B 101 9.22 2.09 -19.45
C TYR B 101 9.01 3.26 -18.48
N ARG B 102 9.33 3.07 -17.21
CA ARG B 102 9.34 4.22 -16.28
C ARG B 102 10.33 5.30 -16.73
N GLU B 103 11.52 4.87 -17.11
CA GLU B 103 12.55 5.79 -17.58
C GLU B 103 12.18 6.56 -18.85
N LYS B 104 11.47 5.91 -19.76
CA LYS B 104 11.01 6.56 -20.99
C LYS B 104 9.81 7.48 -20.80
N PHE B 105 8.89 7.09 -19.94
CA PHE B 105 7.69 7.88 -19.65
C PHE B 105 7.64 8.14 -18.14
N PRO B 106 8.56 9.00 -17.64
CA PRO B 106 8.68 9.26 -16.19
C PRO B 106 7.43 9.88 -15.54
N ASP B 107 6.58 10.55 -16.32
CA ASP B 107 5.33 11.12 -15.77
C ASP B 107 4.12 10.17 -15.65
N ALA B 108 4.21 9.00 -16.25
CA ALA B 108 3.07 8.09 -16.35
C ALA B 108 3.10 7.10 -15.18
N PRO B 109 1.99 7.01 -14.46
CA PRO B 109 1.95 5.95 -13.46
C PRO B 109 1.89 4.56 -14.11
N VAL B 110 2.37 3.57 -13.39
CA VAL B 110 2.36 2.19 -13.80
C VAL B 110 1.16 1.52 -13.13
N VAL B 111 0.17 1.24 -13.95
CA VAL B 111 -1.04 0.53 -13.55
C VAL B 111 -0.85 -0.91 -13.98
N LEU B 112 -0.80 -1.80 -13.00
CA LEU B 112 -0.58 -3.23 -13.28
CA LEU B 112 -0.56 -3.21 -13.23
C LEU B 112 -1.84 -4.02 -13.00
N TYR B 113 -2.23 -4.81 -14.00
CA TYR B 113 -3.36 -5.70 -13.92
C TYR B 113 -3.02 -6.75 -12.86
N VAL B 114 -4.04 -7.18 -12.11
CA VAL B 114 -3.85 -8.14 -11.02
C VAL B 114 -3.15 -9.43 -11.51
N ASN B 115 -3.34 -9.76 -12.79
CA ASN B 115 -2.69 -10.89 -13.45
C ASN B 115 -1.24 -10.47 -13.75
N SER B 116 -0.41 -10.49 -12.71
CA SER B 116 0.96 -10.03 -12.76
C SER B 116 1.72 -10.69 -11.64
N THR B 117 3.04 -10.83 -11.80
CA THR B 117 3.86 -11.46 -10.78
C THR B 117 3.92 -10.54 -9.55
N SER B 118 4.14 -11.14 -8.40
CA SER B 118 4.28 -10.41 -7.14
C SER B 118 5.44 -9.43 -7.18
N GLU B 119 6.55 -9.85 -7.79
CA GLU B 119 7.70 -8.99 -7.95
C GLU B 119 7.36 -7.75 -8.79
N CYS B 120 6.62 -7.92 -9.88
CA CYS B 120 6.12 -6.80 -10.67
C CYS B 120 5.20 -5.87 -9.88
N LYS B 121 4.36 -6.45 -9.03
CA LYS B 121 3.50 -5.65 -8.16
C LYS B 121 4.27 -4.71 -7.23
N THR B 122 5.47 -5.11 -6.78
CA THR B 122 6.28 -4.26 -5.89
C THR B 122 6.67 -2.94 -6.59
N LEU B 123 6.63 -2.95 -7.91
CA LEU B 123 7.03 -1.81 -8.72
C LEU B 123 5.86 -1.03 -9.31
N ALA B 124 4.63 -1.50 -9.11
CA ALA B 124 3.43 -0.85 -9.68
C ALA B 124 3.04 0.30 -8.81
N ASP B 125 2.47 1.34 -9.42
CA ASP B 125 1.85 2.44 -8.66
C ASP B 125 0.50 2.03 -8.14
N VAL B 126 -0.25 1.30 -8.95
CA VAL B 126 -1.53 0.82 -8.54
C VAL B 126 -1.84 -0.50 -9.24
N ILE B 127 -2.61 -1.34 -8.57
CA ILE B 127 -3.16 -2.56 -9.16
C ILE B 127 -4.57 -2.27 -9.66
N CYS B 128 -5.01 -3.00 -10.69
CA CYS B 128 -6.42 -3.06 -11.03
C CYS B 128 -6.87 -4.50 -11.38
N THR B 129 -8.18 -4.65 -11.46
CA THR B 129 -8.81 -5.84 -12.00
C THR B 129 -9.52 -5.44 -13.31
N SER B 130 -9.99 -6.44 -14.03
CA SER B 130 -10.76 -6.20 -15.25
C SER B 130 -12.08 -5.48 -14.94
N ALA B 131 -12.60 -5.63 -13.72
CA ALA B 131 -13.81 -4.91 -13.28
C ALA B 131 -13.61 -3.42 -13.08
N ASN B 132 -12.49 -3.06 -12.45
CA ASN B 132 -12.28 -1.68 -11.99
C ASN B 132 -11.18 -0.92 -12.73
N ALA B 133 -10.55 -1.54 -13.73
CA ALA B 133 -9.49 -0.89 -14.48
C ALA B 133 -9.88 0.48 -15.02
N VAL B 134 -11.09 0.60 -15.56
CA VAL B 134 -11.57 1.87 -16.11
C VAL B 134 -11.70 2.91 -14.99
N GLU B 135 -12.40 2.52 -13.92
CA GLU B 135 -12.60 3.39 -12.76
C GLU B 135 -11.27 3.88 -12.16
N VAL B 136 -10.33 2.95 -11.95
CA VAL B 136 -9.02 3.25 -11.39
C VAL B 136 -8.26 4.26 -12.23
N VAL B 137 -8.14 3.96 -13.53
CA VAL B 137 -7.40 4.81 -14.44
C VAL B 137 -8.02 6.19 -14.57
N LYS B 138 -9.35 6.27 -14.57
CA LYS B 138 -10.07 7.56 -14.50
C LYS B 138 -9.64 8.42 -13.32
N LYS B 139 -9.59 7.80 -12.14
CA LYS B 139 -9.25 8.53 -10.91
C LYS B 139 -7.83 9.04 -10.83
N LEU B 140 -6.91 8.44 -11.58
CA LEU B 140 -5.56 8.90 -11.58
C LEU B 140 -5.49 10.29 -12.22
N ASP B 141 -4.69 11.18 -11.65
CA ASP B 141 -4.53 12.55 -12.18
C ASP B 141 -4.06 12.54 -13.63
N SER B 142 -3.14 11.64 -13.94
CA SER B 142 -2.48 11.60 -15.23
C SER B 142 -3.42 11.21 -16.40
N SER B 143 -3.15 11.78 -17.57
CA SER B 143 -3.83 11.44 -18.82
C SER B 143 -2.97 10.54 -19.71
N VAL B 144 -1.81 10.11 -19.22
CA VAL B 144 -1.02 9.07 -19.87
C VAL B 144 -0.58 8.05 -18.81
N VAL B 145 -0.90 6.77 -19.04
CA VAL B 145 -0.51 5.69 -18.10
C VAL B 145 0.23 4.56 -18.80
N ILE B 146 1.03 3.85 -18.01
CA ILE B 146 1.68 2.61 -18.40
C ILE B 146 0.82 1.51 -17.84
N PHE B 147 0.49 0.54 -18.68
CA PHE B 147 -0.46 -0.51 -18.33
C PHE B 147 0.04 -1.84 -18.82
N GLY B 148 -0.01 -2.84 -17.97
CA GLY B 148 0.31 -4.20 -18.38
C GLY B 148 -0.24 -5.20 -17.39
N PRO B 149 -0.15 -6.51 -17.69
CA PRO B 149 0.54 -7.04 -18.88
C PRO B 149 -0.33 -7.29 -20.10
N ASP B 150 -1.64 -6.98 -20.04
CA ASP B 150 -2.56 -7.28 -21.14
CA ASP B 150 -2.58 -7.29 -21.12
C ASP B 150 -2.81 -6.07 -22.03
N ARG B 151 -2.47 -6.22 -23.29
CA ARG B 151 -2.64 -5.15 -24.26
C ARG B 151 -4.10 -4.85 -24.51
N ASN B 152 -4.92 -5.88 -24.59
CA ASN B 152 -6.34 -5.70 -24.87
C ASN B 152 -7.10 -4.97 -23.79
N LEU B 153 -6.87 -5.34 -22.52
CA LEU B 153 -7.51 -4.62 -21.43
C LEU B 153 -7.06 -3.14 -21.44
N GLY B 154 -5.77 -2.92 -21.62
CA GLY B 154 -5.20 -1.58 -21.73
C GLY B 154 -5.84 -0.76 -22.81
N GLU B 155 -6.02 -1.35 -24.00
CA GLU B 155 -6.67 -0.66 -25.12
C GLU B 155 -8.14 -0.37 -24.79
N TYR B 156 -8.81 -1.31 -24.14
CA TYR B 156 -10.18 -1.11 -23.67
C TYR B 156 -10.27 0.09 -22.70
N VAL B 157 -9.33 0.18 -21.77
CA VAL B 157 -9.26 1.29 -20.83
C VAL B 157 -8.99 2.61 -21.54
N ALA B 158 -8.10 2.58 -22.52
CA ALA B 158 -7.88 3.76 -23.36
C ALA B 158 -9.21 4.22 -24.01
N GLU B 159 -9.98 3.28 -24.54
CA GLU B 159 -11.25 3.61 -25.20
C GLU B 159 -12.21 4.26 -24.22
N LYS B 160 -12.43 3.61 -23.09
CA LYS B 160 -13.40 4.10 -22.10
C LYS B 160 -13.02 5.38 -21.38
N THR B 161 -11.73 5.61 -21.15
CA THR B 161 -11.26 6.76 -20.37
C THR B 161 -10.89 7.95 -21.23
N GLY B 162 -10.51 7.70 -22.48
CA GLY B 162 -9.95 8.72 -23.36
C GLY B 162 -8.50 9.09 -23.07
N LYS B 163 -7.84 8.36 -22.17
CA LYS B 163 -6.44 8.61 -21.84
C LYS B 163 -5.56 7.74 -22.73
N LYS B 164 -4.31 8.16 -22.85
CA LYS B 164 -3.32 7.40 -23.57
C LYS B 164 -2.83 6.30 -22.63
N VAL B 165 -2.86 5.07 -23.13
CA VAL B 165 -2.38 3.90 -22.40
C VAL B 165 -1.22 3.30 -23.18
N ILE B 166 -0.06 3.26 -22.54
CA ILE B 166 1.14 2.68 -23.13
C ILE B 166 1.21 1.25 -22.57
N THR B 167 0.94 0.26 -23.43
CA THR B 167 0.85 -1.14 -22.98
C THR B 167 2.23 -1.81 -22.95
N ILE B 168 2.48 -2.58 -21.89
CA ILE B 168 3.70 -3.40 -21.77
C ILE B 168 3.35 -4.81 -21.26
N PRO B 169 4.13 -5.85 -21.62
CA PRO B 169 5.20 -5.80 -22.63
C PRO B 169 4.63 -5.73 -24.04
N GLU B 170 5.49 -5.69 -25.05
CA GLU B 170 5.05 -5.78 -26.46
CA GLU B 170 5.05 -5.78 -26.45
C GLU B 170 4.27 -7.09 -26.68
N ASN B 171 3.10 -6.97 -27.29
CA ASN B 171 2.19 -8.09 -27.58
C ASN B 171 1.77 -8.89 -26.33
N GLY B 172 1.54 -8.18 -25.24
CA GLY B 172 1.04 -8.81 -24.03
C GLY B 172 -0.42 -9.21 -24.20
N HIS B 173 -0.77 -10.46 -23.94
CA HIS B 173 -2.13 -10.94 -24.17
C HIS B 173 -2.44 -12.27 -23.50
N CYS B 174 -3.72 -12.54 -23.29
CA CYS B 174 -4.20 -13.85 -22.84
C CYS B 174 -4.57 -14.71 -24.04
N PRO B 175 -3.89 -15.86 -24.26
CA PRO B 175 -4.28 -16.72 -25.37
C PRO B 175 -5.70 -17.30 -25.23
N VAL B 176 -6.17 -17.45 -23.99
CA VAL B 176 -7.50 -18.01 -23.73
C VAL B 176 -8.61 -17.14 -24.31
N HIS B 177 -8.41 -15.82 -24.29
CA HIS B 177 -9.44 -14.87 -24.73
C HIS B 177 -9.29 -14.39 -26.17
N GLN B 178 -8.43 -15.02 -26.96
CA GLN B 178 -8.32 -14.68 -28.38
C GLN B 178 -9.39 -15.41 -29.21
N PHE B 179 -10.64 -15.13 -28.88
CA PHE B 179 -11.76 -15.57 -29.68
C PHE B 179 -11.71 -14.83 -31.02
N ASN B 180 -12.40 -15.39 -32.00
CA ASN B 180 -12.51 -14.78 -33.32
C ASN B 180 -13.88 -14.12 -33.48
N ALA B 181 -13.94 -12.94 -34.08
CA ALA B 181 -15.21 -12.18 -34.16
C ALA B 181 -16.31 -12.83 -35.00
N GLU B 182 -15.90 -13.71 -35.91
CA GLU B 182 -16.80 -14.52 -36.73
C GLU B 182 -17.62 -15.49 -35.87
N SER B 183 -17.12 -15.83 -34.69
CA SER B 183 -17.85 -16.67 -33.74
C SER B 183 -19.12 -15.98 -33.25
N ILE B 184 -19.08 -14.66 -33.12
CA ILE B 184 -20.24 -13.89 -32.68
C ILE B 184 -21.24 -13.86 -33.82
N ASP B 185 -20.79 -13.54 -35.02
CA ASP B 185 -21.67 -13.62 -36.21
C ASP B 185 -22.46 -14.94 -36.22
N ALA B 186 -21.76 -16.05 -36.05
CA ALA B 186 -22.36 -17.39 -36.01
C ALA B 186 -23.41 -17.56 -34.93
N VAL B 187 -23.10 -17.20 -33.68
CA VAL B 187 -24.13 -17.33 -32.61
C VAL B 187 -25.36 -16.45 -32.80
N ARG B 188 -25.19 -15.26 -33.39
CA ARG B 188 -26.32 -14.37 -33.68
C ARG B 188 -27.31 -15.02 -34.62
N LYS B 189 -26.81 -15.73 -35.62
CA LYS B 189 -27.67 -16.42 -36.59
C LYS B 189 -28.34 -17.60 -35.89
N LYS B 190 -27.57 -18.38 -35.16
CA LYS B 190 -28.05 -19.55 -34.44
C LYS B 190 -29.03 -19.22 -33.30
N TYR B 191 -28.71 -18.19 -32.50
CA TYR B 191 -29.54 -17.77 -31.35
C TYR B 191 -29.87 -16.27 -31.46
N PRO B 192 -30.87 -15.89 -32.30
CA PRO B 192 -31.07 -14.46 -32.59
C PRO B 192 -31.48 -13.60 -31.38
N ASP B 193 -32.07 -14.21 -30.36
CA ASP B 193 -32.47 -13.49 -29.16
C ASP B 193 -31.41 -13.53 -28.03
N ALA B 194 -30.27 -14.15 -28.29
CA ALA B 194 -29.25 -14.34 -27.25
C ALA B 194 -28.49 -13.03 -27.00
N LYS B 195 -28.00 -12.85 -25.76
CA LYS B 195 -27.08 -11.77 -25.44
C LYS B 195 -25.63 -12.26 -25.35
N VAL B 196 -24.71 -11.54 -26.00
CA VAL B 196 -23.29 -11.91 -26.01
C VAL B 196 -22.49 -11.09 -25.01
N ILE B 197 -22.00 -11.75 -23.97
CA ILE B 197 -21.10 -11.13 -22.97
C ILE B 197 -19.65 -11.64 -23.12
N VAL B 198 -18.69 -10.74 -23.37
CA VAL B 198 -17.29 -11.11 -23.45
C VAL B 198 -16.39 -10.34 -22.45
N HIS B 199 -15.21 -10.89 -22.21
CA HIS B 199 -14.23 -10.34 -21.30
C HIS B 199 -13.48 -9.20 -22.00
N PRO B 200 -13.10 -8.13 -21.28
CA PRO B 200 -12.29 -7.06 -21.92
C PRO B 200 -10.85 -7.47 -22.36
N GLU B 201 -10.36 -8.62 -21.89
CA GLU B 201 -9.15 -9.26 -22.42
C GLU B 201 -9.33 -9.71 -23.88
N CYS B 202 -10.57 -9.81 -24.34
CA CYS B 202 -10.82 -10.18 -25.73
C CYS B 202 -10.36 -9.08 -26.64
N PRO B 203 -9.95 -9.44 -27.87
CA PRO B 203 -9.57 -8.42 -28.85
C PRO B 203 -10.73 -7.48 -29.25
N LYS B 204 -10.35 -6.31 -29.76
CA LYS B 204 -11.29 -5.23 -30.02
C LYS B 204 -12.50 -5.63 -30.88
N PRO B 205 -12.27 -6.31 -32.02
CA PRO B 205 -13.43 -6.67 -32.85
C PRO B 205 -14.47 -7.58 -32.18
N VAL B 206 -14.03 -8.40 -31.22
CA VAL B 206 -14.90 -9.25 -30.41
C VAL B 206 -15.64 -8.43 -29.39
N ARG B 207 -14.92 -7.57 -28.68
CA ARG B 207 -15.54 -6.61 -27.75
C ARG B 207 -16.61 -5.75 -28.43
N ASP B 208 -16.28 -5.23 -29.60
CA ASP B 208 -17.18 -4.33 -30.31
C ASP B 208 -18.46 -5.00 -30.83
N LYS B 209 -18.40 -6.29 -31.12
CA LYS B 209 -19.59 -7.04 -31.56
C LYS B 209 -20.46 -7.57 -30.42
N ALA B 210 -19.96 -7.52 -29.19
CA ALA B 210 -20.68 -8.06 -28.04
C ALA B 210 -21.74 -7.09 -27.49
N ASP B 211 -22.78 -7.64 -26.85
CA ASP B 211 -23.77 -6.82 -26.14
C ASP B 211 -23.23 -6.25 -24.84
N TYR B 212 -22.38 -7.01 -24.16
CA TYR B 212 -21.76 -6.57 -22.92
C TYR B 212 -20.30 -6.95 -22.91
N VAL B 213 -19.48 -6.05 -22.41
CA VAL B 213 -18.09 -6.36 -22.02
C VAL B 213 -18.01 -6.27 -20.50
N GLY B 214 -17.47 -7.30 -19.85
CA GLY B 214 -17.15 -7.16 -18.43
C GLY B 214 -16.36 -8.30 -17.85
N SER B 215 -15.93 -8.13 -16.60
CA SER B 215 -15.20 -9.13 -15.85
C SER B 215 -16.13 -10.29 -15.53
N THR B 216 -15.58 -11.39 -15.05
CA THR B 216 -16.43 -12.52 -14.72
C THR B 216 -17.39 -12.15 -13.61
N GLY B 217 -16.91 -11.36 -12.65
CA GLY B 217 -17.75 -10.81 -11.59
C GLY B 217 -18.92 -10.00 -12.13
N GLN B 218 -18.65 -9.17 -13.14
CA GLN B 218 -19.70 -8.39 -13.83
C GLN B 218 -20.63 -9.25 -14.66
N MET B 219 -20.07 -10.21 -15.38
CA MET B 219 -20.85 -11.23 -16.09
C MET B 219 -21.91 -11.88 -15.20
N GLU B 220 -21.56 -12.24 -13.98
CA GLU B 220 -22.51 -12.97 -13.16
C GLU B 220 -23.64 -12.09 -12.59
N LYS B 221 -23.48 -10.78 -12.69
CA LYS B 221 -24.56 -9.85 -12.35
C LYS B 221 -25.48 -9.50 -13.50
N ILE B 222 -25.03 -9.65 -14.74
CA ILE B 222 -25.84 -9.25 -15.90
C ILE B 222 -27.24 -9.88 -15.94
N PRO B 223 -27.37 -11.21 -15.72
CA PRO B 223 -28.71 -11.79 -15.71
C PRO B 223 -29.66 -11.32 -14.61
N GLU B 224 -29.16 -10.61 -13.59
CA GLU B 224 -30.03 -9.96 -12.60
C GLU B 224 -30.82 -8.79 -13.16
N ARG B 225 -30.37 -8.19 -14.26
CA ARG B 225 -31.09 -7.08 -14.91
C ARG B 225 -31.46 -7.32 -16.38
N ASP B 226 -30.83 -8.33 -17.00
CA ASP B 226 -31.17 -8.74 -18.36
C ASP B 226 -31.97 -10.04 -18.27
N PRO B 227 -33.19 -10.03 -18.80
CA PRO B 227 -34.09 -11.19 -18.72
C PRO B 227 -33.89 -12.25 -19.81
N SER B 228 -32.92 -12.06 -20.68
CA SER B 228 -32.75 -12.97 -21.81
CA SER B 228 -32.71 -13.01 -21.82
C SER B 228 -32.57 -14.42 -21.39
N ARG B 229 -33.19 -15.31 -22.14
CA ARG B 229 -33.15 -16.72 -21.83
C ARG B 229 -31.83 -17.37 -22.18
N ILE B 230 -31.11 -16.77 -23.12
CA ILE B 230 -29.85 -17.31 -23.53
C ILE B 230 -28.72 -16.29 -23.51
N PHE B 231 -27.61 -16.63 -22.84
CA PHE B 231 -26.37 -15.82 -22.87
C PHE B 231 -25.23 -16.58 -23.54
N VAL B 232 -24.48 -15.88 -24.38
CA VAL B 232 -23.30 -16.44 -24.98
C VAL B 232 -22.10 -15.79 -24.29
N ILE B 233 -21.15 -16.61 -23.85
CA ILE B 233 -20.10 -16.16 -22.94
C ILE B 233 -18.68 -16.28 -23.52
N GLY B 234 -18.03 -15.14 -23.71
CA GLY B 234 -16.66 -15.06 -24.17
C GLY B 234 -15.63 -14.91 -23.08
N THR B 235 -15.40 -16.01 -22.38
CA THR B 235 -14.32 -16.10 -21.42
C THR B 235 -14.00 -17.59 -21.24
N GLU B 236 -13.12 -17.88 -20.27
CA GLU B 236 -12.69 -19.24 -20.00
C GLU B 236 -13.88 -20.08 -19.59
N ILE B 237 -13.85 -21.35 -20.02
CA ILE B 237 -14.97 -22.29 -19.88
C ILE B 237 -15.51 -22.46 -18.46
N GLY B 238 -14.67 -22.31 -17.43
CA GLY B 238 -15.12 -22.46 -16.03
C GLY B 238 -16.31 -21.60 -15.63
N MET B 239 -16.43 -20.45 -16.27
CA MET B 239 -17.47 -19.51 -15.95
C MET B 239 -18.87 -19.99 -16.32
N ILE B 240 -18.96 -20.87 -17.31
CA ILE B 240 -20.22 -21.48 -17.71
C ILE B 240 -20.85 -22.22 -16.55
N HIS B 241 -20.07 -23.03 -15.83
CA HIS B 241 -20.56 -23.78 -14.67
C HIS B 241 -21.04 -22.82 -13.59
N LYS B 242 -20.21 -21.81 -13.29
CA LYS B 242 -20.55 -20.75 -12.33
C LYS B 242 -21.90 -20.09 -12.71
N LEU B 243 -22.05 -19.71 -13.96
CA LEU B 243 -23.25 -19.00 -14.39
C LEU B 243 -24.49 -19.87 -14.38
N LYS B 244 -24.36 -21.10 -14.84
N LYS B 244 -24.35 -21.11 -14.84
CA LYS B 244 -25.47 -22.05 -14.82
CA LYS B 244 -25.44 -22.10 -14.83
C LYS B 244 -25.91 -22.41 -13.39
C LYS B 244 -25.90 -22.44 -13.40
N LYS B 245 -24.96 -22.44 -12.46
CA LYS B 245 -25.27 -22.68 -11.04
C LYS B 245 -26.05 -21.49 -10.45
N LYS B 246 -25.63 -20.26 -10.73
CA LYS B 246 -26.30 -19.07 -10.20
C LYS B 246 -27.68 -18.80 -10.83
N PHE B 247 -27.82 -19.11 -12.12
CA PHE B 247 -29.06 -18.88 -12.86
C PHE B 247 -29.51 -20.16 -13.60
N PRO B 248 -29.99 -21.16 -12.85
CA PRO B 248 -30.42 -22.41 -13.50
C PRO B 248 -31.50 -22.23 -14.59
N ASP B 249 -32.29 -21.18 -14.47
CA ASP B 249 -33.36 -20.85 -15.42
CA ASP B 249 -33.36 -20.90 -15.43
C ASP B 249 -32.91 -20.39 -16.81
N ARG B 250 -31.63 -20.00 -16.94
CA ARG B 250 -31.09 -19.56 -18.23
C ARG B 250 -30.13 -20.58 -18.87
N GLU B 251 -29.80 -20.33 -20.12
CA GLU B 251 -28.84 -21.09 -20.88
C GLU B 251 -27.57 -20.26 -21.11
N PHE B 252 -26.42 -20.86 -20.79
CA PHE B 252 -25.11 -20.27 -21.02
C PHE B 252 -24.32 -21.10 -22.01
N VAL B 253 -23.96 -20.46 -23.11
CA VAL B 253 -23.30 -21.09 -24.24
C VAL B 253 -21.90 -20.50 -24.39
N PRO B 254 -20.85 -21.34 -24.48
CA PRO B 254 -19.52 -20.79 -24.73
C PRO B 254 -19.47 -20.14 -26.09
N LEU B 255 -18.85 -18.96 -26.18
CA LEU B 255 -18.61 -18.35 -27.48
C LEU B 255 -17.71 -19.26 -28.36
N GLU B 256 -16.64 -19.74 -27.75
CA GLU B 256 -15.85 -20.88 -28.24
C GLU B 256 -15.38 -21.63 -26.98
N MET B 257 -15.01 -22.90 -27.11
CA MET B 257 -14.37 -23.62 -26.01
C MET B 257 -13.02 -22.97 -25.80
N ALA B 258 -12.80 -22.46 -24.59
CA ALA B 258 -11.56 -21.75 -24.27
C ALA B 258 -11.11 -22.22 -22.90
N VAL B 259 -9.94 -22.87 -22.87
CA VAL B 259 -9.43 -23.49 -21.65
C VAL B 259 -8.06 -22.91 -21.29
N CYS B 260 -7.93 -22.52 -20.03
CA CYS B 260 -6.66 -22.15 -19.44
C CYS B 260 -6.07 -23.44 -18.86
N VAL B 261 -5.01 -23.92 -19.50
CA VAL B 261 -4.37 -25.19 -19.16
C VAL B 261 -3.83 -25.14 -17.72
N ASN B 262 -3.23 -24.02 -17.35
CA ASN B 262 -2.72 -23.86 -15.99
C ASN B 262 -3.80 -23.94 -14.91
N MET B 263 -4.94 -23.30 -15.17
CA MET B 263 -6.07 -23.40 -14.26
C MET B 263 -6.54 -24.84 -14.07
N LYS B 264 -6.41 -25.64 -15.12
CA LYS B 264 -6.84 -27.05 -15.11
C LYS B 264 -5.84 -28.03 -14.49
N LYS B 265 -4.68 -27.54 -14.07
CA LYS B 265 -3.71 -28.36 -13.33
C LYS B 265 -4.25 -28.81 -11.97
N ASN B 266 -5.15 -28.04 -11.38
CA ASN B 266 -5.76 -28.41 -10.11
C ASN B 266 -6.90 -29.40 -10.29
N THR B 267 -6.82 -30.49 -9.53
CA THR B 267 -7.72 -31.62 -9.67
C THR B 267 -8.25 -32.00 -8.30
N LEU B 268 -9.28 -32.85 -8.28
CA LEU B 268 -9.73 -33.44 -7.02
C LEU B 268 -8.62 -34.24 -6.32
N GLU B 269 -7.84 -34.98 -7.11
CA GLU B 269 -6.72 -35.78 -6.60
C GLU B 269 -5.64 -34.93 -5.91
N ASN B 270 -5.03 -33.99 -6.66
CA ASN B 270 -3.94 -33.16 -6.07
C ASN B 270 -4.46 -32.18 -4.99
N THR B 271 -5.74 -31.81 -5.03
CA THR B 271 -6.34 -31.01 -3.96
C THR B 271 -6.43 -31.82 -2.66
N LEU B 272 -6.84 -33.09 -2.78
CA LEU B 272 -6.90 -33.95 -1.61
C LEU B 272 -5.50 -34.10 -1.05
N HIS B 273 -4.53 -34.42 -1.91
CA HIS B 273 -3.15 -34.58 -1.48
CA HIS B 273 -3.14 -34.60 -1.49
C HIS B 273 -2.62 -33.34 -0.79
N ALA B 274 -3.03 -32.17 -1.29
CA ALA B 274 -2.66 -30.89 -0.69
C ALA B 274 -3.13 -30.76 0.74
N LEU B 275 -4.38 -31.14 1.00
CA LEU B 275 -4.92 -31.14 2.38
C LEU B 275 -4.30 -32.22 3.29
N GLN B 276 -3.94 -33.38 2.74
CA GLN B 276 -3.30 -34.45 3.52
C GLN B 276 -1.87 -34.07 3.95
N THR B 277 -1.17 -33.30 3.12
CA THR B 277 0.21 -32.92 3.39
C THR B 277 0.37 -31.46 3.81
N GLU B 278 -0.71 -30.70 3.77
CA GLU B 278 -0.69 -29.25 3.94
C GLU B 278 0.43 -28.59 3.16
N SER B 279 0.52 -28.97 1.88
N SER B 279 0.51 -28.96 1.88
CA SER B 279 1.51 -28.44 0.95
CA SER B 279 1.50 -28.43 0.95
C SER B 279 0.79 -28.16 -0.40
C SER B 279 0.81 -28.17 -0.41
N PHE B 280 1.26 -27.22 -1.23
CA PHE B 280 2.50 -26.48 -1.07
C PHE B 280 2.25 -25.07 -0.57
N GLU B 281 2.89 -24.74 0.54
CA GLU B 281 2.75 -23.46 1.19
C GLU B 281 3.34 -22.34 0.34
N VAL B 282 2.63 -21.22 0.25
CA VAL B 282 3.11 -20.03 -0.46
C VAL B 282 4.00 -19.27 0.49
N ILE B 283 5.25 -19.10 0.12
CA ILE B 283 6.22 -18.40 0.96
C ILE B 283 6.76 -17.23 0.18
N LEU B 284 6.62 -16.03 0.74
CA LEU B 284 7.14 -14.82 0.11
C LEU B 284 8.06 -14.12 1.09
N PRO B 285 9.12 -13.43 0.59
CA PRO B 285 9.88 -12.59 1.51
C PRO B 285 9.01 -11.49 2.13
N LYS B 286 9.27 -11.15 3.38
CA LYS B 286 8.51 -10.11 4.07
C LYS B 286 8.60 -8.76 3.36
N GLU B 287 9.75 -8.47 2.78
CA GLU B 287 9.93 -7.25 1.98
C GLU B 287 9.01 -7.16 0.75
N VAL B 288 8.78 -8.30 0.07
CA VAL B 288 7.93 -8.33 -1.11
C VAL B 288 6.48 -8.14 -0.64
N ILE B 289 6.11 -8.80 0.45
CA ILE B 289 4.77 -8.65 1.01
C ILE B 289 4.48 -7.18 1.32
N GLU B 290 5.41 -6.54 2.01
CA GLU B 290 5.29 -5.12 2.39
C GLU B 290 5.16 -4.19 1.18
N LYS B 291 6.01 -4.40 0.18
CA LYS B 291 5.99 -3.55 -1.03
C LYS B 291 4.80 -3.80 -1.95
N ALA B 292 4.46 -5.07 -2.15
CA ALA B 292 3.36 -5.45 -3.07
C ALA B 292 1.97 -5.07 -2.53
N LYS B 293 1.84 -5.07 -1.21
CA LYS B 293 0.61 -4.61 -0.53
CA LYS B 293 0.61 -4.62 -0.54
C LYS B 293 0.19 -3.21 -0.95
N LYS B 294 1.18 -2.31 -1.06
CA LYS B 294 0.97 -0.89 -1.30
C LYS B 294 0.04 -0.60 -2.48
N PRO B 295 0.41 -1.04 -3.71
CA PRO B 295 -0.52 -0.76 -4.82
C PRO B 295 -1.86 -1.53 -4.74
N ILE B 296 -1.92 -2.62 -3.97
CA ILE B 296 -3.18 -3.33 -3.76
C ILE B 296 -4.08 -2.52 -2.84
N LEU B 297 -3.54 -2.04 -1.73
CA LEU B 297 -4.29 -1.13 -0.84
C LEU B 297 -4.74 0.16 -1.53
N ARG B 298 -3.91 0.72 -2.41
CA ARG B 298 -4.34 1.90 -3.17
C ARG B 298 -5.56 1.65 -4.04
N MET B 299 -5.58 0.52 -4.72
CA MET B 299 -6.75 0.11 -5.48
C MET B 299 -8.03 0.18 -4.62
N PHE B 300 -8.00 -0.47 -3.47
CA PHE B 300 -9.15 -0.45 -2.56
CA PHE B 300 -9.13 -0.49 -2.58
C PHE B 300 -9.46 0.97 -2.11
N GLU B 301 -8.42 1.74 -1.77
CA GLU B 301 -8.53 3.15 -1.40
C GLU B 301 -9.22 3.99 -2.46
N LEU B 302 -8.79 3.87 -3.71
CA LEU B 302 -9.35 4.63 -4.81
C LEU B 302 -10.81 4.31 -5.10
N MET B 303 -11.13 3.02 -5.08
CA MET B 303 -12.50 2.53 -5.27
C MET B 303 -13.39 2.65 -4.02
N GLY B 304 -12.85 3.08 -2.90
CA GLY B 304 -13.53 3.13 -1.59
C GLY B 304 -14.84 3.90 -1.50
#